data_1SZ0
#
_entry.id   1SZ0
#
_cell.length_a   61.100
_cell.length_b   86.500
_cell.length_c   84.800
_cell.angle_alpha   90.00
_cell.angle_beta   109.57
_cell.angle_gamma   90.00
#
_symmetry.space_group_name_H-M   'P 1 21 1'
#
loop_
_entity.id
_entity.type
_entity.pdbx_description
1 polymer 'cation-independent mannose 6-phosphate receptor'
2 branched 2-acetamido-2-deoxy-beta-D-glucopyranose-(1-4)-2-acetamido-2-deoxy-alpha-D-glucopyranose
3 branched 2-acetamido-2-deoxy-beta-D-glucopyranose-(1-4)-2-acetamido-2-deoxy-beta-D-glucopyranose
4 non-polymer 2-acetamido-2-deoxy-beta-D-glucopyranose
5 non-polymer 'OSMIUM ION'
6 non-polymer 6-O-phosphono-alpha-D-mannopyranose
7 water water
#
_entity_poly.entity_id   1
_entity_poly.type   'polypeptide(L)'
_entity_poly.pdbx_seq_one_letter_code
;AAGTQGAEFPELCSYTWEAVDTKNNMLYKINICGNMGVAQCGPSSAVCMHDLKTDSFHSVGDSLLKTASRSLLEFNTTVN
CKQQNHKIQSSITFLCGKTLGTPEFVTATDCVHYFEWRTTAACKKNIFKANKEVPCYAFDRELKKHDLNPLIKTSGAYLV
DDSDPDTSLFINVCRDIEVLRASSPQVRVCPTGAAACLVRGDRAFDVGRPQEGLKLVSNDRLVLSYVKEGAGQPDFCDGH
SPAVTITFVCPSERREGTIPKLTAKSNCRFEIEWVTEYACHRDYLESRSCSLSSAQHDVAVDLQPLSRVEASDSLFYTSE
ADEYTYYLSICGGSQAPICNKKDAAVCQVKKADSTQVKVAGRPQNLTLRYSDGDLTLIYFGGEECSSGFQRMSVINFECN
QTAGNNGRGAPVFTGEVDCTYFFTWDTKYACV
;
_entity_poly.pdbx_strand_id   A,B
#
# COMPACT_ATOMS: atom_id res chain seq x y z
N ALA A 7 -21.43 16.37 -16.68
CA ALA A 7 -20.08 15.76 -16.45
C ALA A 7 -19.89 14.54 -17.35
N GLU A 8 -19.75 13.36 -16.75
CA GLU A 8 -19.54 12.12 -17.50
C GLU A 8 -18.27 12.20 -18.35
N PHE A 9 -17.10 12.09 -17.72
CA PHE A 9 -15.81 12.16 -18.43
C PHE A 9 -15.76 13.45 -19.25
N PRO A 10 -15.66 14.60 -18.57
CA PRO A 10 -15.60 15.95 -19.15
C PRO A 10 -14.52 16.16 -20.21
N GLU A 11 -13.35 15.57 -19.98
CA GLU A 11 -12.25 15.72 -20.92
C GLU A 11 -12.37 14.86 -22.18
N LEU A 12 -13.51 14.21 -22.37
CA LEU A 12 -13.71 13.39 -23.56
C LEU A 12 -14.71 14.07 -24.46
N CYS A 13 -15.56 14.89 -23.86
CA CYS A 13 -16.61 15.57 -24.60
C CYS A 13 -16.20 16.69 -25.55
N SER A 14 -15.03 17.27 -25.32
CA SER A 14 -14.55 18.36 -26.17
C SER A 14 -14.22 17.92 -27.59
N TYR A 15 -14.40 16.63 -27.91
CA TYR A 15 -14.07 16.12 -29.24
C TYR A 15 -14.96 15.00 -29.77
N THR A 16 -14.81 14.71 -31.06
CA THR A 16 -15.55 13.62 -31.69
C THR A 16 -14.47 12.58 -31.98
N TRP A 17 -14.68 11.37 -31.44
CA TRP A 17 -13.70 10.30 -31.57
C TRP A 17 -14.11 9.20 -32.54
N GLU A 18 -13.23 8.85 -33.47
CA GLU A 18 -13.56 7.80 -34.42
C GLU A 18 -13.10 6.41 -33.97
N ALA A 19 -13.85 5.40 -34.39
CA ALA A 19 -13.54 4.01 -34.09
C ALA A 19 -13.90 3.25 -35.35
N VAL A 20 -13.30 2.09 -35.58
CA VAL A 20 -13.62 1.33 -36.79
C VAL A 20 -13.79 -0.16 -36.62
N ASP A 21 -14.65 -0.70 -37.48
CA ASP A 21 -14.94 -2.14 -37.53
C ASP A 21 -14.48 -2.57 -38.91
N THR A 22 -13.16 -2.54 -39.12
CA THR A 22 -12.56 -2.92 -40.40
C THR A 22 -13.10 -4.25 -40.92
N LYS A 23 -13.40 -5.15 -39.99
CA LYS A 23 -13.92 -6.47 -40.31
C LYS A 23 -15.18 -6.36 -41.16
N ASN A 24 -15.88 -5.23 -41.04
CA ASN A 24 -17.10 -4.99 -41.80
C ASN A 24 -17.06 -3.65 -42.53
N ASN A 25 -15.92 -2.98 -42.45
CA ASN A 25 -15.72 -1.68 -43.10
C ASN A 25 -16.64 -0.59 -42.53
N MET A 26 -16.79 -0.56 -41.21
CA MET A 26 -17.64 0.43 -40.54
C MET A 26 -16.82 1.46 -39.76
N LEU A 27 -17.16 2.73 -39.90
CA LEU A 27 -16.47 3.81 -39.20
C LEU A 27 -17.42 4.57 -38.29
N TYR A 28 -17.15 4.54 -36.98
CA TYR A 28 -18.01 5.21 -36.02
C TYR A 28 -17.47 6.55 -35.52
N LYS A 29 -18.38 7.50 -35.34
CA LYS A 29 -18.03 8.82 -34.81
C LYS A 29 -18.63 8.82 -33.42
N ILE A 30 -17.78 8.95 -32.40
CA ILE A 30 -18.26 8.96 -31.03
C ILE A 30 -18.10 10.32 -30.35
N ASN A 31 -19.15 10.74 -29.66
CA ASN A 31 -19.17 11.99 -28.92
C ASN A 31 -20.08 11.77 -27.73
N ILE A 32 -19.46 11.49 -26.59
CA ILE A 32 -20.15 11.22 -25.32
C ILE A 32 -21.23 12.22 -24.95
N CYS A 33 -21.04 13.49 -25.33
CA CYS A 33 -22.02 14.51 -25.02
C CYS A 33 -23.02 14.77 -26.16
N GLY A 34 -22.87 14.00 -27.24
CA GLY A 34 -23.76 14.11 -28.40
C GLY A 34 -23.71 15.33 -29.29
N ASN A 35 -23.03 16.38 -28.85
CA ASN A 35 -22.92 17.62 -29.61
C ASN A 35 -21.89 17.56 -30.67
N MET A 36 -22.18 16.79 -31.68
CA MET A 36 -21.18 16.71 -32.67
C MET A 36 -21.60 17.51 -33.86
N GLY A 37 -22.89 17.47 -34.16
CA GLY A 37 -23.40 18.22 -35.29
C GLY A 37 -23.42 17.40 -36.58
N VAL A 38 -22.34 16.67 -36.88
CA VAL A 38 -22.27 15.87 -38.11
C VAL A 38 -23.63 15.24 -38.42
N ALA A 39 -24.29 15.80 -39.42
CA ALA A 39 -25.61 15.31 -39.83
C ALA A 39 -25.55 13.84 -40.20
N GLN A 40 -26.55 13.41 -40.96
CA GLN A 40 -26.65 12.02 -41.40
C GLN A 40 -26.98 11.08 -40.24
N CYS A 41 -27.06 11.64 -39.03
CA CYS A 41 -27.41 10.86 -37.84
C CYS A 41 -28.10 11.68 -36.76
N GLY A 42 -27.99 13.00 -36.83
CA GLY A 42 -28.66 13.82 -35.84
C GLY A 42 -27.79 14.55 -34.83
N PRO A 43 -28.33 15.61 -34.21
CA PRO A 43 -27.65 16.44 -33.21
C PRO A 43 -27.53 15.71 -31.87
N SER A 44 -28.43 14.77 -31.63
CA SER A 44 -28.43 14.02 -30.39
C SER A 44 -27.67 12.70 -30.49
N SER A 45 -27.23 12.33 -31.69
CA SER A 45 -26.50 11.07 -31.84
C SER A 45 -25.15 11.12 -31.13
N ALA A 46 -24.92 10.15 -30.25
CA ALA A 46 -23.66 10.05 -29.52
C ALA A 46 -22.72 9.12 -30.27
N VAL A 47 -23.29 8.15 -30.97
CA VAL A 47 -22.52 7.20 -31.77
C VAL A 47 -23.15 7.14 -33.15
N CYS A 48 -22.48 7.72 -34.13
CA CYS A 48 -22.95 7.75 -35.52
C CYS A 48 -22.16 6.72 -36.31
N MET A 49 -22.85 5.85 -37.04
CA MET A 49 -22.16 4.81 -37.79
C MET A 49 -22.19 5.01 -39.29
N HIS A 50 -21.08 5.48 -39.85
CA HIS A 50 -20.96 5.70 -41.27
C HIS A 50 -20.69 4.38 -41.96
N ASP A 51 -21.63 3.95 -42.80
CA ASP A 51 -21.48 2.70 -43.56
C ASP A 51 -20.79 3.07 -44.86
N LEU A 52 -19.52 2.72 -44.97
CA LEU A 52 -18.73 3.04 -46.15
C LEU A 52 -19.11 2.26 -47.41
N LYS A 53 -19.63 1.05 -47.25
CA LYS A 53 -20.00 0.24 -48.42
C LYS A 53 -21.24 0.74 -49.16
N THR A 54 -22.02 1.60 -48.52
CA THR A 54 -23.21 2.17 -49.15
C THR A 54 -23.11 3.68 -49.09
N ASP A 55 -22.15 4.17 -48.31
CA ASP A 55 -21.92 5.59 -48.11
C ASP A 55 -23.12 6.22 -47.41
N SER A 56 -23.56 5.60 -46.32
CA SER A 56 -24.70 6.11 -45.56
C SER A 56 -24.37 6.15 -44.07
N PHE A 57 -25.06 7.02 -43.34
CA PHE A 57 -24.84 7.13 -41.90
C PHE A 57 -26.10 6.82 -41.12
N HIS A 58 -25.93 6.12 -40.00
CA HIS A 58 -27.06 5.76 -39.15
C HIS A 58 -26.62 5.79 -37.70
N SER A 59 -27.36 6.50 -36.85
CA SER A 59 -27.02 6.59 -35.44
C SER A 59 -27.32 5.29 -34.72
N VAL A 60 -26.37 4.83 -33.92
CA VAL A 60 -26.55 3.60 -33.15
C VAL A 60 -26.61 3.91 -31.66
N GLY A 61 -26.68 5.19 -31.33
CA GLY A 61 -26.76 5.60 -29.93
C GLY A 61 -27.13 7.07 -29.81
N ASP A 62 -28.18 7.36 -29.04
CA ASP A 62 -28.59 8.74 -28.85
C ASP A 62 -28.07 9.23 -27.50
N SER A 63 -27.43 10.39 -27.51
CA SER A 63 -26.85 10.98 -26.31
C SER A 63 -27.86 11.19 -25.17
N LEU A 64 -29.14 11.32 -25.52
CA LEU A 64 -30.15 11.53 -24.51
C LEU A 64 -30.53 10.26 -23.77
N LEU A 65 -30.63 9.15 -24.50
CA LEU A 65 -30.98 7.87 -23.91
C LEU A 65 -29.74 7.22 -23.28
N LYS A 66 -29.12 7.95 -22.35
CA LYS A 66 -27.91 7.48 -21.69
C LYS A 66 -28.10 6.89 -20.29
N THR A 67 -27.49 5.73 -20.06
CA THR A 67 -27.52 5.06 -18.76
C THR A 67 -26.06 4.98 -18.34
N ALA A 68 -25.70 5.60 -17.21
CA ALA A 68 -24.31 5.58 -16.78
C ALA A 68 -24.00 4.80 -15.53
N SER A 69 -22.92 4.03 -15.58
CA SER A 69 -22.47 3.24 -14.44
C SER A 69 -21.04 3.67 -14.18
N ARG A 70 -20.40 3.04 -13.20
CA ARG A 70 -19.03 3.39 -12.86
C ARG A 70 -18.08 3.37 -14.05
N SER A 71 -18.03 2.22 -14.73
CA SER A 71 -17.13 2.06 -15.86
C SER A 71 -17.88 1.69 -17.14
N LEU A 72 -19.16 2.04 -17.18
CA LEU A 72 -19.98 1.72 -18.34
C LEU A 72 -20.96 2.79 -18.78
N LEU A 73 -20.96 3.08 -20.07
CA LEU A 73 -21.87 4.05 -20.66
C LEU A 73 -22.69 3.33 -21.72
N GLU A 74 -24.00 3.49 -21.66
CA GLU A 74 -24.88 2.85 -22.64
C GLU A 74 -25.77 3.90 -23.25
N PHE A 75 -26.06 3.72 -24.54
CA PHE A 75 -26.90 4.63 -25.30
C PHE A 75 -27.92 3.85 -26.12
N ASN A 76 -29.20 4.14 -25.91
CA ASN A 76 -30.25 3.48 -26.69
C ASN A 76 -30.72 4.46 -27.74
N THR A 77 -31.29 3.93 -28.82
CA THR A 77 -31.79 4.77 -29.90
C THR A 77 -33.30 4.58 -30.01
N THR A 78 -33.91 5.20 -31.02
CA THR A 78 -35.35 5.04 -31.22
C THR A 78 -35.53 3.79 -32.07
N VAL A 79 -34.62 3.58 -33.01
CA VAL A 79 -34.66 2.41 -33.89
C VAL A 79 -34.59 1.18 -32.99
N ASN A 80 -34.87 0.01 -33.55
CA ASN A 80 -34.85 -1.23 -32.78
C ASN A 80 -35.13 -2.46 -33.63
N CYS A 81 -34.09 -3.25 -33.89
CA CYS A 81 -34.26 -4.46 -34.69
C CYS A 81 -35.18 -5.42 -33.93
N LYS A 82 -35.16 -6.69 -34.37
CA LYS A 82 -35.96 -7.73 -33.74
C LYS A 82 -35.87 -7.67 -32.23
N ILE A 88 -31.43 -1.12 -31.83
CA ILE A 88 -30.04 -0.72 -32.02
C ILE A 88 -29.56 0.16 -30.87
N GLN A 89 -28.44 -0.24 -30.27
CA GLN A 89 -27.89 0.50 -29.13
C GLN A 89 -26.36 0.42 -29.07
N SER A 90 -25.78 1.19 -28.15
CA SER A 90 -24.33 1.22 -27.97
C SER A 90 -23.89 1.09 -26.50
N SER A 91 -22.72 0.50 -26.31
CA SER A 91 -22.19 0.33 -24.96
C SER A 91 -20.69 0.58 -25.01
N ILE A 92 -20.20 1.42 -24.11
CA ILE A 92 -18.78 1.72 -24.06
C ILE A 92 -18.25 1.41 -22.67
N THR A 93 -17.33 0.46 -22.60
CA THR A 93 -16.72 0.09 -21.33
C THR A 93 -15.50 0.96 -21.11
N PHE A 94 -15.42 1.56 -19.93
CA PHE A 94 -14.31 2.45 -19.56
C PHE A 94 -13.38 1.85 -18.53
N LEU A 95 -12.09 1.94 -18.81
CA LEU A 95 -11.06 1.43 -17.92
C LEU A 95 -10.01 2.51 -17.77
N CYS A 96 -9.52 2.69 -16.54
CA CYS A 96 -8.50 3.67 -16.25
C CYS A 96 -7.29 3.45 -17.17
N GLY A 97 -6.77 4.53 -17.75
CA GLY A 97 -5.62 4.44 -18.63
C GLY A 97 -4.68 5.59 -18.30
N LYS A 98 -3.50 5.61 -18.90
CA LYS A 98 -2.55 6.68 -18.64
C LYS A 98 -2.48 7.78 -19.69
N THR A 99 -3.36 7.71 -20.67
CA THR A 99 -3.46 8.73 -21.72
C THR A 99 -4.95 8.76 -22.06
N LEU A 100 -5.40 9.75 -22.83
CA LEU A 100 -6.81 9.81 -23.16
C LEU A 100 -7.20 8.58 -23.96
N GLY A 101 -6.22 8.00 -24.65
CA GLY A 101 -6.46 6.79 -25.41
C GLY A 101 -7.46 6.86 -26.53
N THR A 102 -8.05 5.72 -26.84
CA THR A 102 -9.01 5.69 -27.93
C THR A 102 -10.12 4.68 -27.66
N PRO A 103 -11.35 4.97 -28.13
CA PRO A 103 -12.43 4.01 -27.91
C PRO A 103 -12.21 2.88 -28.91
N GLU A 104 -11.82 1.71 -28.43
CA GLU A 104 -11.57 0.60 -29.31
C GLU A 104 -12.84 -0.20 -29.57
N PHE A 105 -13.17 -0.37 -30.83
CA PHE A 105 -14.34 -1.16 -31.20
C PHE A 105 -13.99 -2.60 -30.84
N VAL A 106 -14.88 -3.28 -30.14
CA VAL A 106 -14.60 -4.67 -29.77
C VAL A 106 -15.43 -5.65 -30.60
N THR A 107 -16.68 -5.29 -30.86
CA THR A 107 -17.59 -6.13 -31.63
C THR A 107 -18.99 -5.54 -31.64
N ALA A 108 -19.82 -6.05 -32.54
CA ALA A 108 -21.20 -5.60 -32.66
C ALA A 108 -22.08 -6.84 -32.69
N THR A 109 -23.18 -6.81 -31.96
CA THR A 109 -24.09 -7.94 -31.94
C THR A 109 -25.32 -7.65 -32.77
N ASP A 110 -26.41 -8.30 -32.40
CA ASP A 110 -27.69 -8.15 -33.09
C ASP A 110 -28.17 -6.71 -32.95
N CYS A 111 -27.50 -5.81 -33.66
CA CYS A 111 -27.84 -4.39 -33.63
C CYS A 111 -27.42 -3.70 -32.33
N VAL A 112 -26.28 -4.13 -31.77
CA VAL A 112 -25.73 -3.55 -30.53
C VAL A 112 -24.22 -3.45 -30.67
N HIS A 113 -23.71 -2.22 -30.72
CA HIS A 113 -22.28 -2.01 -30.91
C HIS A 113 -21.47 -1.76 -29.64
N TYR A 114 -20.47 -2.62 -29.41
CA TYR A 114 -19.61 -2.55 -28.23
C TYR A 114 -18.28 -1.85 -28.48
N PHE A 115 -17.79 -1.18 -27.44
CA PHE A 115 -16.54 -0.46 -27.49
C PHE A 115 -15.84 -0.53 -26.14
N GLU A 116 -14.52 -0.45 -26.16
CA GLU A 116 -13.72 -0.48 -24.94
C GLU A 116 -12.84 0.76 -25.00
N TRP A 117 -12.76 1.51 -23.91
CA TRP A 117 -11.97 2.72 -23.92
C TRP A 117 -11.09 2.88 -22.68
N ARG A 118 -9.80 2.60 -22.83
CA ARG A 118 -8.82 2.74 -21.76
C ARG A 118 -8.41 4.21 -21.84
N THR A 119 -8.79 4.99 -20.83
CA THR A 119 -8.52 6.42 -20.83
C THR A 119 -8.26 6.97 -19.42
N THR A 120 -7.59 8.11 -19.34
CA THR A 120 -7.29 8.73 -18.05
C THR A 120 -8.58 9.26 -17.43
N ALA A 121 -9.55 9.58 -18.29
CA ALA A 121 -10.82 10.11 -17.83
C ALA A 121 -11.65 9.12 -17.01
N ALA A 122 -11.21 7.88 -16.93
CA ALA A 122 -11.97 6.87 -16.18
C ALA A 122 -11.22 6.34 -14.97
N CYS A 123 -10.17 7.04 -14.56
CA CYS A 123 -9.38 6.61 -13.41
C CYS A 123 -9.99 7.13 -12.09
N LYS A 124 -10.08 6.26 -11.09
CA LYS A 124 -10.64 6.64 -9.79
C LYS A 124 -9.84 7.80 -9.23
N LYS A 125 -8.52 7.66 -9.24
CA LYS A 125 -7.61 8.67 -8.73
C LYS A 125 -7.24 9.64 -9.85
N ASN A 126 -7.81 10.84 -9.79
CA ASN A 126 -7.57 11.87 -10.79
C ASN A 126 -6.11 12.32 -10.85
N ILE A 127 -5.19 11.41 -10.52
CA ILE A 127 -3.76 11.71 -10.55
C ILE A 127 -3.18 11.46 -11.94
N PHE A 128 -3.95 10.81 -12.81
CA PHE A 128 -3.48 10.50 -14.16
C PHE A 128 -3.94 11.46 -15.23
N LYS A 129 -4.75 12.44 -14.85
CA LYS A 129 -5.24 13.40 -15.82
C LYS A 129 -4.25 14.53 -16.08
N ALA A 130 -4.10 14.88 -17.34
CA ALA A 130 -3.20 15.93 -17.77
C ALA A 130 -3.96 17.24 -17.66
N ASN A 131 -3.23 18.35 -17.71
CA ASN A 131 -3.91 19.62 -17.65
C ASN A 131 -4.74 19.79 -18.91
N LYS A 132 -4.30 19.17 -20.00
CA LYS A 132 -5.01 19.26 -21.27
C LYS A 132 -4.43 18.23 -22.25
N GLU A 133 -5.27 17.33 -22.73
CA GLU A 133 -4.83 16.32 -23.69
C GLU A 133 -5.85 16.29 -24.82
N VAL A 134 -5.42 15.96 -26.01
CA VAL A 134 -6.30 15.89 -27.17
C VAL A 134 -6.17 14.52 -27.84
N PRO A 135 -7.14 14.16 -28.71
CA PRO A 135 -7.10 12.88 -29.43
C PRO A 135 -5.72 12.76 -30.09
N CYS A 136 -5.08 11.60 -29.97
CA CYS A 136 -3.73 11.42 -30.50
C CYS A 136 -3.60 10.28 -31.50
N TYR A 137 -4.60 10.15 -32.38
CA TYR A 137 -4.61 9.12 -33.41
C TYR A 137 -5.57 9.57 -34.50
N ALA A 138 -5.52 8.89 -35.63
CA ALA A 138 -6.39 9.18 -36.76
C ALA A 138 -6.39 7.98 -37.69
N PHE A 139 -7.55 7.71 -38.29
CA PHE A 139 -7.67 6.60 -39.22
C PHE A 139 -7.48 7.15 -40.63
N ASP A 140 -6.97 6.30 -41.51
CA ASP A 140 -6.75 6.71 -42.90
C ASP A 140 -7.89 6.17 -43.76
N ARG A 141 -7.80 6.44 -45.06
CA ARG A 141 -8.82 5.99 -46.02
C ARG A 141 -9.12 4.50 -45.93
N GLU A 142 -8.08 3.70 -45.73
CA GLU A 142 -8.24 2.24 -45.64
C GLU A 142 -8.72 1.80 -44.25
N LEU A 143 -9.13 2.76 -43.43
CA LEU A 143 -9.59 2.47 -42.07
C LEU A 143 -8.46 1.93 -41.18
N LYS A 144 -7.22 2.12 -41.64
CA LYS A 144 -6.07 1.65 -40.86
C LYS A 144 -5.73 2.75 -39.84
N LYS A 145 -5.49 2.33 -38.60
CA LYS A 145 -5.20 3.26 -37.52
C LYS A 145 -3.75 3.76 -37.44
N HIS A 146 -3.61 5.04 -37.11
CA HIS A 146 -2.30 5.68 -36.94
C HIS A 146 -2.37 6.27 -35.53
N ASP A 147 -1.86 5.51 -34.56
CA ASP A 147 -1.91 5.89 -33.14
C ASP A 147 -0.57 6.32 -32.55
N LEU A 148 -0.53 7.55 -32.06
CA LEU A 148 0.66 8.13 -31.45
C LEU A 148 0.64 8.09 -29.91
N ASN A 149 -0.36 7.42 -29.32
CA ASN A 149 -0.46 7.34 -27.86
C ASN A 149 0.79 6.88 -27.11
N PRO A 150 1.53 5.90 -27.67
CA PRO A 150 2.75 5.42 -27.00
C PRO A 150 3.84 6.49 -26.82
N LEU A 151 3.79 7.55 -27.62
CA LEU A 151 4.79 8.61 -27.52
C LEU A 151 4.44 9.68 -26.49
N ILE A 152 3.21 9.65 -25.99
CA ILE A 152 2.76 10.61 -24.98
C ILE A 152 3.53 10.37 -23.67
N LYS A 153 4.10 11.42 -23.11
CA LYS A 153 4.84 11.30 -21.86
C LYS A 153 3.96 11.78 -20.69
N THR A 154 3.84 10.95 -19.65
CA THR A 154 3.05 11.33 -18.49
C THR A 154 3.98 12.10 -17.55
N SER A 155 5.25 12.13 -17.92
CA SER A 155 6.28 12.84 -17.17
C SER A 155 7.46 13.20 -18.07
N GLY A 156 7.85 14.47 -18.04
CA GLY A 156 8.97 14.90 -18.86
C GLY A 156 8.55 15.46 -20.20
N ALA A 157 9.50 15.52 -21.13
CA ALA A 157 9.25 16.04 -22.46
C ALA A 157 10.35 15.55 -23.37
N TYR A 158 10.27 15.88 -24.65
CA TYR A 158 11.29 15.50 -25.61
C TYR A 158 12.08 16.74 -25.99
N LEU A 159 13.40 16.65 -25.94
CA LEU A 159 14.23 17.80 -26.30
C LEU A 159 14.33 17.78 -27.83
N VAL A 160 13.80 18.81 -28.48
CA VAL A 160 13.84 18.85 -29.95
C VAL A 160 15.21 19.29 -30.46
N ASP A 161 15.63 18.70 -31.58
CA ASP A 161 16.91 19.03 -32.19
C ASP A 161 16.78 20.25 -33.09
N ASP A 162 17.36 21.37 -32.67
CA ASP A 162 17.28 22.61 -33.44
C ASP A 162 18.60 23.10 -34.02
N SER A 163 19.72 22.63 -33.46
CA SER A 163 21.05 23.03 -33.89
C SER A 163 21.37 24.44 -33.39
N ASP A 164 20.37 25.11 -32.83
CA ASP A 164 20.52 26.46 -32.29
C ASP A 164 21.26 26.35 -30.95
N PRO A 165 22.25 27.22 -30.72
CA PRO A 165 23.03 27.20 -29.48
C PRO A 165 22.41 28.00 -28.33
N ASP A 166 21.60 28.99 -28.67
CA ASP A 166 20.97 29.85 -27.68
C ASP A 166 19.63 29.34 -27.13
N THR A 167 19.06 28.32 -27.74
CA THR A 167 17.76 27.84 -27.28
C THR A 167 17.58 26.34 -27.09
N SER A 168 16.66 26.02 -26.19
CA SER A 168 16.27 24.65 -25.87
C SER A 168 14.76 24.64 -26.08
N LEU A 169 14.28 23.72 -26.91
CA LEU A 169 12.86 23.64 -27.19
C LEU A 169 12.35 22.26 -26.79
N PHE A 170 11.42 22.24 -25.84
CA PHE A 170 10.83 21.00 -25.35
C PHE A 170 9.37 20.89 -25.73
N ILE A 171 8.95 19.66 -26.02
CA ILE A 171 7.57 19.38 -26.41
C ILE A 171 7.13 18.04 -25.86
N ASN A 172 5.82 17.86 -25.82
CA ASN A 172 5.21 16.61 -25.39
C ASN A 172 4.22 16.33 -26.54
N VAL A 173 3.75 15.10 -26.66
CA VAL A 173 2.84 14.74 -27.71
C VAL A 173 1.37 14.72 -27.27
N CYS A 174 0.56 15.54 -27.94
CA CYS A 174 -0.86 15.66 -27.70
C CYS A 174 -1.29 16.08 -26.32
N ARG A 175 -0.35 16.61 -25.56
CA ARG A 175 -0.66 16.99 -24.20
C ARG A 175 0.45 17.87 -23.64
N ASP A 176 0.11 18.60 -22.57
CA ASP A 176 1.07 19.48 -21.90
C ASP A 176 2.18 18.68 -21.24
N ILE A 177 3.30 19.35 -20.99
CA ILE A 177 4.45 18.74 -20.31
C ILE A 177 4.15 18.79 -18.81
N GLU A 178 4.25 17.67 -18.11
CA GLU A 178 3.99 17.69 -16.67
C GLU A 178 5.22 18.32 -16.02
N VAL A 179 5.14 19.62 -15.77
CA VAL A 179 6.25 20.34 -15.17
C VAL A 179 6.45 20.11 -13.68
N LEU A 180 5.39 20.28 -12.90
CA LEU A 180 5.44 20.10 -11.45
C LEU A 180 6.30 18.97 -10.88
N ARG A 181 6.13 17.76 -11.40
CA ARG A 181 6.91 16.63 -10.90
C ARG A 181 7.81 15.96 -11.94
N ALA A 182 8.64 16.75 -12.61
CA ALA A 182 9.55 16.22 -13.62
C ALA A 182 10.96 16.13 -13.06
N SER A 183 11.73 15.15 -13.51
CA SER A 183 13.09 15.00 -13.01
C SER A 183 13.99 16.14 -13.50
N SER A 184 14.24 16.18 -14.80
CA SER A 184 15.09 17.23 -15.37
C SER A 184 14.74 18.61 -14.83
N PRO A 185 15.70 19.28 -14.16
CA PRO A 185 15.52 20.62 -13.58
C PRO A 185 15.16 21.69 -14.56
N GLN A 186 15.59 21.51 -15.79
CA GLN A 186 15.33 22.49 -16.83
C GLN A 186 13.89 22.50 -17.28
N VAL A 187 13.24 21.35 -17.15
CA VAL A 187 11.85 21.21 -17.55
C VAL A 187 10.93 21.76 -16.45
N ARG A 188 11.37 21.67 -15.21
CA ARG A 188 10.60 22.16 -14.07
C ARG A 188 10.51 23.67 -14.08
N VAL A 189 11.25 24.29 -14.99
CA VAL A 189 11.26 25.74 -15.13
C VAL A 189 10.19 26.18 -16.13
N CYS A 190 9.60 25.21 -16.84
CA CYS A 190 8.57 25.50 -17.82
C CYS A 190 7.22 25.77 -17.16
N PRO A 191 6.44 26.68 -17.74
CA PRO A 191 5.10 27.04 -17.22
C PRO A 191 4.09 25.87 -17.32
N THR A 192 3.23 25.75 -16.31
CA THR A 192 2.25 24.68 -16.29
C THR A 192 1.27 24.80 -17.44
N GLY A 193 0.98 23.68 -18.09
CA GLY A 193 0.04 23.69 -19.19
C GLY A 193 0.64 23.86 -20.57
N ALA A 194 1.93 24.16 -20.63
CA ALA A 194 2.58 24.33 -21.92
C ALA A 194 2.88 22.96 -22.51
N ALA A 195 2.62 22.81 -23.80
CA ALA A 195 2.86 21.55 -24.52
C ALA A 195 4.21 21.70 -25.22
N ALA A 196 4.61 22.95 -25.42
CA ALA A 196 5.86 23.27 -26.07
C ALA A 196 6.48 24.36 -25.21
N CYS A 197 7.71 24.11 -24.78
CA CYS A 197 8.42 25.04 -23.93
C CYS A 197 9.73 25.52 -24.54
N LEU A 198 9.86 26.84 -24.63
CA LEU A 198 11.06 27.46 -25.17
C LEU A 198 11.90 28.13 -24.08
N VAL A 199 13.15 27.69 -23.96
CA VAL A 199 14.06 28.24 -22.98
C VAL A 199 15.06 29.13 -23.75
N ARG A 200 14.71 30.41 -23.90
CA ARG A 200 15.54 31.39 -24.62
C ARG A 200 15.97 32.53 -23.71
N GLY A 201 17.05 32.32 -22.97
CA GLY A 201 17.54 33.37 -22.08
C GLY A 201 17.44 32.98 -20.62
N ASP A 202 17.68 31.70 -20.33
CA ASP A 202 17.64 31.15 -18.98
C ASP A 202 16.23 31.34 -18.44
N ARG A 203 15.32 31.58 -19.37
CA ARG A 203 13.92 31.83 -19.13
C ARG A 203 13.03 30.78 -19.76
N ALA A 204 11.84 30.58 -19.24
CA ALA A 204 11.07 29.61 -19.95
C ALA A 204 9.85 30.29 -20.50
N PHE A 205 9.50 29.94 -21.73
CA PHE A 205 8.32 30.49 -22.38
C PHE A 205 7.42 29.37 -22.88
N ASP A 206 6.12 29.62 -22.83
CA ASP A 206 5.13 28.66 -23.31
C ASP A 206 4.74 29.12 -24.72
N VAL A 207 5.24 28.40 -25.73
CA VAL A 207 4.94 28.74 -27.12
C VAL A 207 3.96 27.80 -27.80
N GLY A 208 3.19 27.06 -27.01
CA GLY A 208 2.24 26.17 -27.61
C GLY A 208 1.50 25.30 -26.63
N ARG A 209 0.17 25.36 -26.70
CA ARG A 209 -0.71 24.57 -25.84
C ARG A 209 -1.61 23.73 -26.74
N PRO A 210 -2.06 22.56 -26.25
CA PRO A 210 -2.94 21.69 -27.05
C PRO A 210 -4.35 22.22 -27.22
N GLN A 211 -4.97 21.92 -28.36
CA GLN A 211 -6.33 22.34 -28.59
C GLN A 211 -7.06 21.32 -29.48
N GLU A 212 -6.67 21.26 -30.75
CA GLU A 212 -7.29 20.32 -31.67
C GLU A 212 -6.58 18.98 -31.64
N GLY A 213 -7.31 17.93 -31.96
CA GLY A 213 -6.71 16.60 -31.99
C GLY A 213 -5.79 16.37 -33.17
N LEU A 214 -5.17 15.20 -33.20
CA LEU A 214 -4.26 14.80 -34.27
C LEU A 214 -5.01 14.81 -35.60
N LYS A 215 -4.41 15.38 -36.64
CA LYS A 215 -5.02 15.43 -37.97
C LYS A 215 -4.19 14.69 -39.02
N LEU A 216 -4.88 13.96 -39.89
CA LEU A 216 -4.22 13.20 -40.95
C LEU A 216 -4.22 14.03 -42.23
N VAL A 217 -3.06 14.55 -42.62
CA VAL A 217 -2.93 15.35 -43.84
C VAL A 217 -2.65 14.45 -45.03
N SER A 218 -1.39 14.11 -45.25
CA SER A 218 -1.07 13.20 -46.34
C SER A 218 -1.67 11.89 -45.83
N ASN A 219 -2.24 11.08 -46.72
CA ASN A 219 -2.86 9.82 -46.31
C ASN A 219 -1.94 9.01 -45.38
N ASP A 220 -0.72 9.49 -45.20
CA ASP A 220 0.26 8.82 -44.36
C ASP A 220 1.07 9.80 -43.52
N ARG A 221 0.56 11.03 -43.39
CA ARG A 221 1.23 12.08 -42.63
C ARG A 221 0.30 12.65 -41.55
N LEU A 222 0.81 12.73 -40.32
CA LEU A 222 0.04 13.26 -39.20
C LEU A 222 0.55 14.62 -38.79
N VAL A 223 -0.38 15.51 -38.45
CA VAL A 223 -0.03 16.86 -38.01
C VAL A 223 -0.72 17.22 -36.70
N LEU A 224 0.06 17.77 -35.78
CA LEU A 224 -0.38 18.20 -34.47
C LEU A 224 -0.05 19.70 -34.38
N SER A 225 -1.03 20.51 -33.98
CA SER A 225 -0.84 21.96 -33.90
C SER A 225 -1.06 22.55 -32.53
N TYR A 226 -0.01 23.13 -31.98
CA TYR A 226 -0.11 23.77 -30.67
C TYR A 226 -0.22 25.26 -30.96
N VAL A 227 -1.06 25.95 -30.19
CA VAL A 227 -1.27 27.38 -30.36
C VAL A 227 -1.11 28.09 -29.04
N LYS A 228 -0.75 29.36 -29.12
CA LYS A 228 -0.57 30.18 -27.94
C LYS A 228 -1.07 31.58 -28.27
N GLU A 229 -2.39 31.74 -28.27
CA GLU A 229 -2.96 33.04 -28.60
C GLU A 229 -3.32 33.93 -27.43
N GLY A 230 -3.49 35.21 -27.72
CA GLY A 230 -3.83 36.16 -26.68
C GLY A 230 -2.64 36.96 -26.22
N ALA A 231 -2.90 37.94 -25.35
CA ALA A 231 -1.89 38.80 -24.78
C ALA A 231 -0.73 38.03 -24.16
N GLY A 232 0.32 38.77 -23.79
CA GLY A 232 1.48 38.16 -23.16
C GLY A 232 2.49 37.48 -24.06
N GLN A 233 2.35 37.64 -25.37
CA GLN A 233 3.31 37.05 -26.30
C GLN A 233 4.68 37.64 -26.01
N PRO A 234 5.74 36.81 -26.05
CA PRO A 234 7.09 37.34 -25.77
C PRO A 234 7.42 38.52 -26.71
N ASP A 235 8.22 39.45 -26.19
CA ASP A 235 8.62 40.65 -26.93
C ASP A 235 9.42 40.42 -28.20
N PHE A 236 10.12 39.30 -28.27
CA PHE A 236 10.92 38.99 -29.44
C PHE A 236 10.12 38.28 -30.53
N CYS A 237 8.81 38.14 -30.31
CA CYS A 237 7.92 37.47 -31.26
C CYS A 237 7.24 38.44 -32.21
N ASP A 238 7.38 39.72 -31.91
CA ASP A 238 6.82 40.79 -32.72
C ASP A 238 5.36 40.66 -33.19
N GLY A 239 4.43 40.84 -32.26
CA GLY A 239 3.02 40.76 -32.59
C GLY A 239 2.54 39.44 -33.15
N HIS A 240 3.40 38.43 -33.11
CA HIS A 240 3.03 37.12 -33.60
C HIS A 240 2.71 36.23 -32.41
N SER A 241 1.67 35.41 -32.55
CA SER A 241 1.31 34.48 -31.50
C SER A 241 2.15 33.23 -31.69
N PRO A 242 2.79 32.76 -30.60
CA PRO A 242 3.61 31.55 -30.75
C PRO A 242 2.74 30.38 -31.24
N ALA A 243 3.38 29.45 -31.94
CA ALA A 243 2.69 28.29 -32.47
C ALA A 243 3.71 27.23 -32.78
N VAL A 244 3.29 25.99 -32.61
CA VAL A 244 4.14 24.84 -32.87
C VAL A 244 3.36 23.88 -33.74
N THR A 245 4.00 23.41 -34.81
CA THR A 245 3.34 22.48 -35.72
C THR A 245 4.25 21.29 -35.98
N ILE A 246 3.85 20.14 -35.45
CA ILE A 246 4.62 18.92 -35.58
C ILE A 246 4.03 18.01 -36.66
N THR A 247 4.90 17.58 -37.57
CA THR A 247 4.49 16.67 -38.64
C THR A 247 5.17 15.34 -38.34
N PHE A 248 4.38 14.31 -38.14
CA PHE A 248 4.95 12.99 -37.87
C PHE A 248 4.90 12.28 -39.21
N VAL A 249 6.00 11.64 -39.58
CA VAL A 249 6.07 10.93 -40.85
C VAL A 249 6.47 9.48 -40.67
N CYS A 250 5.72 8.58 -41.30
CA CYS A 250 6.00 7.15 -41.25
C CYS A 250 7.11 6.85 -42.25
N PRO A 251 8.20 6.21 -41.78
CA PRO A 251 9.34 5.86 -42.66
C PRO A 251 8.96 4.75 -43.66
N SER A 252 9.42 4.90 -44.90
CA SER A 252 9.13 3.94 -45.96
C SER A 252 9.78 2.60 -45.65
N GLU A 253 10.85 2.64 -44.86
CA GLU A 253 11.57 1.45 -44.46
C GLU A 253 11.95 1.53 -42.99
N ARG A 254 12.03 0.36 -42.36
CA ARG A 254 12.40 0.28 -40.94
C ARG A 254 13.76 0.93 -40.72
N ARG A 255 13.86 1.69 -39.64
CA ARG A 255 15.11 2.36 -39.28
C ARG A 255 15.10 2.73 -37.80
N GLU A 256 16.28 3.00 -37.27
CA GLU A 256 16.39 3.38 -35.87
C GLU A 256 15.61 4.65 -35.59
N GLY A 257 14.86 4.64 -34.50
CA GLY A 257 14.08 5.81 -34.14
C GLY A 257 14.92 7.06 -34.12
N THR A 258 14.37 8.14 -34.65
CA THR A 258 15.09 9.41 -34.67
C THR A 258 14.45 10.42 -33.72
N ILE A 259 15.14 11.54 -33.52
CA ILE A 259 14.69 12.60 -32.65
C ILE A 259 13.93 13.68 -33.42
N PRO A 260 12.90 14.27 -32.79
CA PRO A 260 12.11 15.32 -33.48
C PRO A 260 13.07 16.37 -33.95
N LYS A 261 12.86 16.86 -35.18
CA LYS A 261 13.73 17.88 -35.73
C LYS A 261 13.06 19.19 -36.09
N LEU A 262 13.64 20.28 -35.60
CA LEU A 262 13.16 21.63 -35.87
C LEU A 262 13.57 21.95 -37.32
N THR A 263 12.59 22.24 -38.18
CA THR A 263 12.90 22.53 -39.58
C THR A 263 12.53 23.96 -40.00
N ALA A 264 11.99 24.73 -39.07
CA ALA A 264 11.60 26.12 -39.34
C ALA A 264 11.31 26.81 -37.99
N LYS A 265 11.78 28.04 -37.84
CA LYS A 265 11.59 28.76 -36.59
C LYS A 265 11.32 30.25 -36.78
N SER A 266 10.59 30.58 -37.83
CA SER A 266 10.26 31.98 -38.11
C SER A 266 9.36 32.62 -37.06
N ASN A 267 9.70 33.83 -36.62
CA ASN A 267 8.86 34.56 -35.66
C ASN A 267 8.11 33.81 -34.55
N CYS A 268 8.71 33.04 -33.63
CA CYS A 268 7.78 32.36 -32.72
C CYS A 268 6.81 31.34 -33.38
N ARG A 269 7.13 30.94 -34.61
CA ARG A 269 6.38 29.91 -35.35
C ARG A 269 7.34 28.72 -35.59
N PHE A 270 7.10 27.61 -34.91
CA PHE A 270 7.96 26.44 -35.05
C PHE A 270 7.37 25.30 -35.85
N GLU A 271 8.14 24.81 -36.81
CA GLU A 271 7.72 23.70 -37.65
C GLU A 271 8.64 22.55 -37.28
N ILE A 272 8.07 21.49 -36.71
CA ILE A 272 8.88 20.36 -36.30
C ILE A 272 8.51 19.12 -37.10
N GLU A 273 9.54 18.38 -37.52
CA GLU A 273 9.34 17.15 -38.26
C GLU A 273 9.79 16.00 -37.36
N TRP A 274 8.97 14.97 -37.26
CA TRP A 274 9.32 13.84 -36.41
C TRP A 274 9.14 12.55 -37.19
N VAL A 275 10.25 11.96 -37.62
CA VAL A 275 10.21 10.72 -38.36
C VAL A 275 10.09 9.58 -37.35
N THR A 276 8.91 8.98 -37.28
CA THR A 276 8.69 7.89 -36.35
C THR A 276 7.78 6.85 -36.97
N GLU A 277 8.05 5.58 -36.68
CA GLU A 277 7.25 4.51 -37.22
C GLU A 277 5.92 4.43 -36.48
N TYR A 278 5.78 5.23 -35.43
CA TYR A 278 4.51 5.23 -34.70
C TYR A 278 3.49 5.96 -35.57
N ALA A 279 3.99 6.60 -36.63
CA ALA A 279 3.14 7.33 -37.58
C ALA A 279 2.52 6.38 -38.60
N CYS A 280 3.05 5.16 -38.66
CA CYS A 280 2.57 4.13 -39.59
C CYS A 280 1.31 3.49 -39.05
N HIS A 281 0.61 2.71 -39.88
CA HIS A 281 -0.59 2.06 -39.39
C HIS A 281 -0.18 1.05 -38.31
N ARG A 282 -1.01 0.96 -37.28
CA ARG A 282 -0.72 0.09 -36.14
C ARG A 282 -0.43 -1.36 -36.44
N ASP A 283 -1.23 -1.99 -37.30
CA ASP A 283 -1.04 -3.40 -37.62
C ASP A 283 0.28 -3.68 -38.32
N TYR A 284 1.04 -2.62 -38.56
CA TYR A 284 2.35 -2.75 -39.17
C TYR A 284 3.40 -2.78 -38.07
N LEU A 285 3.00 -2.36 -36.86
CA LEU A 285 3.91 -2.33 -35.73
C LEU A 285 3.58 -3.35 -34.67
N GLU A 286 2.38 -3.93 -34.74
CA GLU A 286 1.98 -4.85 -33.70
C GLU A 286 1.30 -6.14 -34.11
N SER A 287 1.36 -7.11 -33.21
CA SER A 287 0.74 -8.42 -33.37
C SER A 287 0.15 -8.80 -32.01
N ARG A 288 -0.82 -9.69 -32.03
CA ARG A 288 -1.45 -10.15 -30.80
C ARG A 288 -0.88 -11.54 -30.48
N SER A 289 0.24 -11.87 -31.11
CA SER A 289 0.91 -13.14 -30.87
C SER A 289 2.39 -12.87 -30.69
N CYS A 290 3.15 -13.92 -30.44
CA CYS A 290 4.56 -13.78 -30.23
C CYS A 290 5.42 -13.84 -31.48
N SER A 291 4.87 -13.40 -32.60
CA SER A 291 5.62 -13.41 -33.83
C SER A 291 5.23 -12.29 -34.78
N LEU A 292 6.23 -11.75 -35.46
CA LEU A 292 6.03 -10.69 -36.43
C LEU A 292 6.55 -11.22 -37.76
N SER A 293 5.87 -10.87 -38.85
CA SER A 293 6.27 -11.34 -40.17
C SER A 293 6.85 -10.22 -41.04
N SER A 294 7.64 -10.62 -42.05
CA SER A 294 8.25 -9.64 -42.95
C SER A 294 7.17 -9.01 -43.83
N ALA A 295 6.13 -9.78 -44.11
CA ALA A 295 5.03 -9.33 -44.97
C ALA A 295 4.13 -8.29 -44.31
N GLN A 296 3.78 -8.50 -43.04
CA GLN A 296 2.91 -7.56 -42.35
C GLN A 296 3.68 -6.51 -41.57
N HIS A 297 4.78 -6.93 -40.96
CA HIS A 297 5.56 -6.03 -40.12
C HIS A 297 6.87 -5.57 -40.73
N ASP A 298 7.26 -6.19 -41.85
CA ASP A 298 8.51 -5.84 -42.51
C ASP A 298 9.67 -6.23 -41.61
N VAL A 299 9.44 -7.25 -40.80
CA VAL A 299 10.46 -7.72 -39.88
C VAL A 299 9.98 -9.06 -39.34
N ALA A 300 10.87 -10.04 -39.27
CA ALA A 300 10.49 -11.34 -38.77
C ALA A 300 10.96 -11.61 -37.35
N VAL A 301 10.02 -11.99 -36.51
CA VAL A 301 10.30 -12.27 -35.11
C VAL A 301 9.39 -13.37 -34.59
N ASP A 302 9.96 -14.25 -33.77
CA ASP A 302 9.21 -15.33 -33.16
C ASP A 302 9.81 -15.55 -31.76
N LEU A 303 9.02 -15.24 -30.73
CA LEU A 303 9.46 -15.39 -29.36
C LEU A 303 8.93 -16.69 -28.74
N GLN A 304 8.24 -17.49 -29.55
CA GLN A 304 7.68 -18.76 -29.11
C GLN A 304 8.73 -19.68 -28.52
N PRO A 305 9.92 -19.74 -29.15
CA PRO A 305 10.98 -20.61 -28.65
C PRO A 305 11.37 -20.33 -27.19
N LEU A 306 11.06 -19.12 -26.72
CA LEU A 306 11.36 -18.75 -25.35
C LEU A 306 10.34 -19.36 -24.39
N SER A 307 9.23 -19.84 -24.92
CA SER A 307 8.18 -20.44 -24.10
C SER A 307 8.67 -21.68 -23.36
N SER A 312 13.08 -29.74 -19.40
CA SER A 312 14.19 -30.22 -18.58
C SER A 312 14.22 -29.55 -17.20
N ASP A 313 13.46 -28.47 -17.04
CA ASP A 313 13.40 -27.74 -15.77
C ASP A 313 12.09 -26.94 -15.66
N SER A 314 12.12 -25.87 -14.86
CA SER A 314 10.95 -25.01 -14.65
C SER A 314 10.56 -24.27 -15.94
N LEU A 315 9.28 -24.38 -16.32
CA LEU A 315 8.77 -23.76 -17.52
C LEU A 315 8.41 -22.28 -17.40
N PHE A 316 8.87 -21.64 -16.33
CA PHE A 316 8.60 -20.23 -16.12
C PHE A 316 9.88 -19.48 -15.75
N TYR A 317 9.91 -18.18 -16.01
CA TYR A 317 11.06 -17.36 -15.69
C TYR A 317 10.81 -16.62 -14.39
N THR A 318 11.87 -16.26 -13.69
CA THR A 318 11.74 -15.54 -12.43
C THR A 318 12.69 -14.35 -12.38
N SER A 319 12.18 -13.21 -11.91
CA SER A 319 12.98 -12.00 -11.78
C SER A 319 12.83 -11.49 -10.36
N GLU A 320 13.92 -11.53 -9.60
CA GLU A 320 13.91 -11.09 -8.21
C GLU A 320 13.98 -9.58 -8.05
N ALA A 321 13.17 -9.06 -7.15
CA ALA A 321 13.13 -7.63 -6.86
C ALA A 321 13.27 -7.45 -5.35
N ASP A 322 13.48 -6.22 -4.90
CA ASP A 322 13.64 -5.93 -3.48
C ASP A 322 12.49 -6.41 -2.61
N GLU A 323 11.27 -6.05 -2.97
CA GLU A 323 10.10 -6.44 -2.17
C GLU A 323 9.28 -7.58 -2.78
N TYR A 324 9.41 -7.80 -4.08
CA TYR A 324 8.63 -8.84 -4.76
C TYR A 324 9.44 -9.75 -5.68
N THR A 325 8.75 -10.79 -6.16
CA THR A 325 9.32 -11.77 -7.08
C THR A 325 8.35 -11.82 -8.26
N TYR A 326 8.87 -11.73 -9.48
CA TYR A 326 8.01 -11.76 -10.66
C TYR A 326 8.18 -13.04 -11.48
N TYR A 327 7.08 -13.74 -11.72
CA TYR A 327 7.11 -14.97 -12.52
C TYR A 327 6.50 -14.68 -13.87
N LEU A 328 7.27 -14.91 -14.92
CA LEU A 328 6.78 -14.65 -16.28
C LEU A 328 6.53 -15.93 -17.08
N SER A 329 5.32 -16.05 -17.61
CA SER A 329 4.93 -17.18 -18.42
C SER A 329 4.64 -16.56 -19.78
N ILE A 330 5.62 -16.63 -20.66
CA ILE A 330 5.54 -16.04 -21.99
C ILE A 330 5.20 -17.03 -23.11
N CYS A 331 4.53 -16.51 -24.13
CA CYS A 331 4.18 -17.29 -25.30
C CYS A 331 3.73 -18.73 -25.05
N GLY A 332 2.66 -18.92 -24.29
CA GLY A 332 2.19 -20.27 -24.00
C GLY A 332 2.91 -21.02 -22.89
N GLY A 333 4.03 -20.50 -22.42
CA GLY A 333 4.76 -21.15 -21.35
C GLY A 333 3.83 -21.38 -20.15
N SER A 334 4.35 -21.95 -19.07
CA SER A 334 3.51 -22.20 -17.90
C SER A 334 3.99 -21.43 -16.67
N GLN A 335 3.05 -20.98 -15.87
CA GLN A 335 3.35 -20.22 -14.66
C GLN A 335 3.87 -21.06 -13.51
N ALA A 336 4.35 -20.38 -12.47
CA ALA A 336 4.87 -21.04 -11.28
C ALA A 336 3.69 -21.56 -10.47
N PRO A 337 3.80 -22.78 -9.93
CA PRO A 337 2.73 -23.37 -9.13
C PRO A 337 2.07 -22.41 -8.15
N ILE A 338 2.83 -21.40 -7.71
CA ILE A 338 2.33 -20.42 -6.76
C ILE A 338 1.24 -19.54 -7.36
N CYS A 339 1.27 -19.38 -8.69
CA CYS A 339 0.29 -18.56 -9.40
C CYS A 339 -0.72 -19.43 -10.14
N ASN A 340 -0.56 -20.75 -9.99
CA ASN A 340 -1.45 -21.71 -10.62
C ASN A 340 -2.82 -21.70 -9.93
N LYS A 341 -3.37 -20.51 -9.75
CA LYS A 341 -4.66 -20.37 -9.11
C LYS A 341 -5.49 -19.33 -9.88
N LYS A 342 -4.86 -18.54 -10.72
CA LYS A 342 -5.56 -17.49 -11.48
C LYS A 342 -5.30 -17.90 -12.90
N ASP A 343 -5.01 -16.82 -13.66
CA ASP A 343 -4.39 -16.90 -14.97
C ASP A 343 -3.55 -15.65 -15.26
N ALA A 344 -2.22 -15.78 -15.49
CA ALA A 344 -1.36 -14.61 -15.81
C ALA A 344 -0.07 -14.93 -16.57
N ALA A 345 0.45 -13.94 -17.33
CA ALA A 345 1.71 -14.07 -18.09
C ALA A 345 2.78 -13.54 -17.15
N VAL A 346 2.39 -12.52 -16.38
CA VAL A 346 3.26 -11.89 -15.40
C VAL A 346 2.52 -11.97 -14.08
N CYS A 347 3.20 -12.48 -13.07
CA CYS A 347 2.59 -12.65 -11.76
C CYS A 347 3.52 -12.10 -10.68
N GLN A 348 2.96 -11.30 -9.78
CA GLN A 348 3.74 -10.70 -8.71
C GLN A 348 3.38 -11.26 -7.34
N VAL A 349 4.40 -11.62 -6.56
CA VAL A 349 4.19 -12.17 -5.23
C VAL A 349 5.05 -11.43 -4.22
N LYS A 350 4.43 -10.88 -3.18
CA LYS A 350 5.18 -10.14 -2.17
C LYS A 350 6.00 -11.10 -1.33
N LYS A 351 7.29 -10.81 -1.20
CA LYS A 351 8.19 -11.65 -0.43
C LYS A 351 7.90 -11.61 1.07
N ALA A 352 7.64 -10.40 1.58
CA ALA A 352 7.33 -10.24 3.01
C ALA A 352 6.00 -10.87 3.39
N ASP A 353 5.30 -11.43 2.41
CA ASP A 353 4.01 -12.09 2.64
C ASP A 353 3.50 -12.79 1.39
N SER A 354 4.05 -13.98 1.15
CA SER A 354 3.72 -14.81 -0.01
C SER A 354 2.23 -14.99 -0.32
N THR A 355 1.37 -14.54 0.58
CA THR A 355 -0.08 -14.67 0.37
C THR A 355 -0.55 -13.68 -0.69
N GLN A 356 0.24 -12.63 -0.89
CA GLN A 356 -0.13 -11.61 -1.85
C GLN A 356 0.39 -11.95 -3.26
N VAL A 357 -0.54 -12.37 -4.10
CA VAL A 357 -0.23 -12.73 -5.49
C VAL A 357 -1.05 -11.83 -6.40
N LYS A 358 -0.39 -10.98 -7.17
CA LYS A 358 -1.08 -10.05 -8.07
C LYS A 358 -0.80 -10.32 -9.54
N VAL A 359 -1.83 -10.24 -10.36
CA VAL A 359 -1.68 -10.46 -11.79
C VAL A 359 -1.23 -9.14 -12.41
N ALA A 360 -0.03 -9.14 -12.99
CA ALA A 360 0.51 -7.94 -13.61
C ALA A 360 0.35 -7.96 -15.13
N GLY A 361 -0.36 -8.96 -15.63
CA GLY A 361 -0.57 -9.07 -17.07
C GLY A 361 -1.17 -10.41 -17.41
N ARG A 362 -2.04 -10.44 -18.41
CA ARG A 362 -2.68 -11.70 -18.80
C ARG A 362 -2.28 -12.16 -20.21
N PRO A 363 -2.18 -13.48 -20.41
CA PRO A 363 -1.81 -14.05 -21.70
C PRO A 363 -2.70 -13.64 -22.88
N GLN A 364 -4.01 -13.50 -22.64
CA GLN A 364 -4.94 -13.12 -23.70
C GLN A 364 -4.87 -11.63 -24.05
N ASN A 365 -4.12 -10.88 -23.27
CA ASN A 365 -3.97 -9.44 -23.50
C ASN A 365 -2.50 -9.13 -23.79
N LEU A 366 -2.01 -9.57 -24.94
CA LEU A 366 -0.62 -9.33 -25.30
C LEU A 366 -0.47 -8.60 -26.63
N THR A 367 0.48 -7.67 -26.65
CA THR A 367 0.77 -6.89 -27.82
C THR A 367 2.27 -6.95 -28.01
N LEU A 368 2.70 -7.45 -29.15
CA LEU A 368 4.12 -7.51 -29.47
C LEU A 368 4.29 -6.38 -30.46
N ARG A 369 5.19 -5.46 -30.16
CA ARG A 369 5.38 -4.31 -31.02
C ARG A 369 6.83 -4.03 -31.43
N TYR A 370 7.00 -3.59 -32.67
CA TYR A 370 8.32 -3.24 -33.18
C TYR A 370 8.17 -1.87 -33.84
N SER A 371 8.97 -0.91 -33.39
CA SER A 371 8.88 0.43 -33.91
C SER A 371 10.12 1.21 -33.51
N ASP A 372 10.68 1.96 -34.47
CA ASP A 372 11.86 2.77 -34.22
C ASP A 372 13.02 1.99 -33.61
N GLY A 373 13.17 0.74 -34.05
CA GLY A 373 14.27 -0.09 -33.57
C GLY A 373 14.03 -0.85 -32.27
N ASP A 374 12.95 -0.56 -31.56
CA ASP A 374 12.68 -1.23 -30.30
C ASP A 374 11.62 -2.32 -30.38
N LEU A 375 11.95 -3.49 -29.87
CA LEU A 375 11.02 -4.61 -29.86
C LEU A 375 10.45 -4.67 -28.44
N THR A 376 9.13 -4.56 -28.34
CA THR A 376 8.45 -4.55 -27.04
C THR A 376 7.28 -5.53 -26.96
N LEU A 377 7.25 -6.34 -25.88
CA LEU A 377 6.15 -7.27 -25.65
C LEU A 377 5.36 -6.72 -24.44
N ILE A 378 4.07 -6.48 -24.64
CA ILE A 378 3.25 -5.93 -23.59
C ILE A 378 2.10 -6.82 -23.17
N TYR A 379 1.96 -7.00 -21.86
CA TYR A 379 0.86 -7.77 -21.32
C TYR A 379 0.03 -6.81 -20.50
N PHE A 380 -1.29 -6.86 -20.68
CA PHE A 380 -2.16 -6.00 -19.92
C PHE A 380 -3.32 -6.79 -19.36
N GLY A 381 -4.34 -6.09 -18.85
CA GLY A 381 -5.48 -6.77 -18.26
C GLY A 381 -5.17 -7.24 -16.85
N GLY A 382 -4.07 -6.74 -16.28
CA GLY A 382 -3.70 -7.13 -14.94
C GLY A 382 -4.71 -6.66 -13.90
N GLU A 383 -4.52 -7.04 -12.65
CA GLU A 383 -5.43 -6.64 -11.59
C GLU A 383 -5.33 -5.15 -11.32
N GLU A 384 -6.47 -4.53 -11.04
CA GLU A 384 -6.56 -3.11 -10.78
C GLU A 384 -5.83 -2.66 -9.52
N CYS A 385 -5.32 -1.44 -9.57
CA CYS A 385 -4.67 -0.85 -8.41
C CYS A 385 -5.72 0.15 -7.92
N SER A 386 -5.55 0.70 -6.72
CA SER A 386 -6.54 1.63 -6.17
C SER A 386 -6.88 2.74 -7.15
N SER A 387 -5.92 3.10 -8.00
CA SER A 387 -6.13 4.14 -8.99
C SER A 387 -7.20 3.73 -10.00
N GLY A 388 -7.37 2.42 -10.16
CA GLY A 388 -8.33 1.92 -11.13
C GLY A 388 -7.60 1.29 -12.30
N PHE A 389 -6.30 1.58 -12.37
CA PHE A 389 -5.44 1.07 -13.42
C PHE A 389 -5.15 -0.43 -13.37
N GLN A 390 -5.50 -1.15 -14.43
CA GLN A 390 -5.21 -2.58 -14.48
C GLN A 390 -3.70 -2.72 -14.60
N ARG A 391 -3.10 -3.61 -13.80
CA ARG A 391 -1.66 -3.77 -13.86
C ARG A 391 -1.23 -4.13 -15.29
N MET A 392 -0.03 -3.69 -15.64
CA MET A 392 0.49 -3.91 -16.98
C MET A 392 1.98 -4.12 -16.95
N SER A 393 2.45 -5.07 -17.75
CA SER A 393 3.89 -5.36 -17.80
C SER A 393 4.41 -5.06 -19.21
N VAL A 394 5.54 -4.38 -19.29
CA VAL A 394 6.12 -4.12 -20.60
C VAL A 394 7.55 -4.65 -20.57
N ILE A 395 7.79 -5.60 -21.47
CA ILE A 395 9.08 -6.26 -21.60
C ILE A 395 9.84 -5.70 -22.79
N ASN A 396 10.89 -4.94 -22.49
CA ASN A 396 11.74 -4.32 -23.50
C ASN A 396 12.80 -5.34 -23.92
N PHE A 397 12.62 -5.92 -25.09
CA PHE A 397 13.54 -6.92 -25.60
C PHE A 397 14.75 -6.29 -26.28
N GLU A 398 15.90 -6.95 -26.13
CA GLU A 398 17.14 -6.50 -26.72
C GLU A 398 17.87 -7.65 -27.43
N CYS A 399 18.56 -7.33 -28.52
CA CYS A 399 19.31 -8.34 -29.26
C CYS A 399 20.65 -8.65 -28.63
N ASN A 400 20.92 -9.94 -28.46
CA ASN A 400 22.17 -10.41 -27.89
C ASN A 400 22.32 -11.89 -28.20
N GLN A 401 23.18 -12.19 -29.16
CA GLN A 401 23.42 -13.57 -29.58
C GLN A 401 24.05 -14.42 -28.48
N THR A 402 24.91 -13.81 -27.69
CA THR A 402 25.59 -14.51 -26.60
C THR A 402 24.80 -14.44 -25.29
N ALA A 403 23.48 -14.55 -25.37
CA ALA A 403 22.67 -14.50 -24.17
C ALA A 403 22.66 -15.86 -23.48
N GLY A 404 22.74 -15.85 -22.15
CA GLY A 404 22.75 -17.10 -21.41
C GLY A 404 21.51 -17.94 -21.68
N ASN A 405 21.40 -19.08 -21.00
CA ASN A 405 20.26 -19.99 -21.19
C ASN A 405 20.15 -20.45 -22.63
N ASN A 406 21.28 -20.50 -23.32
CA ASN A 406 21.31 -20.92 -24.72
C ASN A 406 20.59 -19.89 -25.57
N GLY A 407 20.92 -18.62 -25.34
CA GLY A 407 20.31 -17.54 -26.09
C GLY A 407 18.99 -17.05 -25.52
N ARG A 408 18.19 -17.96 -24.97
CA ARG A 408 16.90 -17.63 -24.39
C ARG A 408 16.96 -16.48 -23.40
N GLY A 409 18.13 -16.28 -22.80
CA GLY A 409 18.30 -15.21 -21.83
C GLY A 409 17.33 -15.35 -20.68
N ALA A 410 17.07 -14.25 -19.99
CA ALA A 410 16.15 -14.23 -18.86
C ALA A 410 15.77 -12.78 -18.55
N PRO A 411 14.52 -12.56 -18.12
CA PRO A 411 13.99 -11.23 -17.79
C PRO A 411 14.63 -10.58 -16.57
N VAL A 412 15.00 -9.32 -16.70
CA VAL A 412 15.59 -8.57 -15.60
C VAL A 412 14.58 -7.49 -15.22
N PHE A 413 14.00 -7.60 -14.02
CA PHE A 413 13.04 -6.59 -13.58
C PHE A 413 13.78 -5.28 -13.43
N THR A 414 13.30 -4.22 -14.08
CA THR A 414 14.00 -2.94 -13.98
C THR A 414 13.24 -1.81 -13.31
N GLY A 415 12.11 -2.12 -12.69
CA GLY A 415 11.36 -1.08 -12.00
C GLY A 415 9.87 -0.95 -12.28
N GLU A 416 9.16 -0.38 -11.31
CA GLU A 416 7.74 -0.17 -11.46
C GLU A 416 7.44 1.32 -11.51
N VAL A 417 6.33 1.67 -12.15
CA VAL A 417 5.88 3.04 -12.24
C VAL A 417 4.37 3.02 -12.30
N ASP A 418 3.74 3.28 -11.15
CA ASP A 418 2.29 3.31 -11.02
C ASP A 418 1.54 2.14 -11.63
N CYS A 419 1.90 0.95 -11.19
CA CYS A 419 1.28 -0.29 -11.64
C CYS A 419 1.55 -0.74 -13.08
N THR A 420 2.66 -0.26 -13.63
CA THR A 420 3.14 -0.65 -14.94
C THR A 420 4.56 -1.15 -14.62
N TYR A 421 4.79 -2.44 -14.79
CA TYR A 421 6.07 -3.06 -14.48
C TYR A 421 6.94 -3.25 -15.72
N PHE A 422 8.19 -2.80 -15.63
CA PHE A 422 9.15 -2.88 -16.73
C PHE A 422 10.19 -3.99 -16.55
N PHE A 423 10.66 -4.53 -17.66
CA PHE A 423 11.66 -5.59 -17.66
C PHE A 423 12.56 -5.46 -18.89
N THR A 424 13.81 -5.88 -18.75
CA THR A 424 14.75 -5.87 -19.88
C THR A 424 15.00 -7.34 -20.15
N TRP A 425 15.04 -7.72 -21.41
CA TRP A 425 15.25 -9.12 -21.74
C TRP A 425 16.17 -9.28 -22.92
N ASP A 426 17.42 -9.63 -22.66
CA ASP A 426 18.40 -9.84 -23.71
C ASP A 426 18.30 -11.28 -24.19
N THR A 427 18.06 -11.46 -25.48
CA THR A 427 17.93 -12.79 -26.06
C THR A 427 18.29 -12.74 -27.54
N LYS A 428 18.73 -13.86 -28.08
CA LYS A 428 19.10 -13.91 -29.49
C LYS A 428 17.84 -13.81 -30.35
N TYR A 429 16.69 -14.10 -29.75
CA TYR A 429 15.41 -14.04 -30.45
C TYR A 429 14.90 -12.61 -30.59
N ALA A 430 15.63 -11.65 -30.04
CA ALA A 430 15.23 -10.26 -30.11
C ALA A 430 15.99 -9.55 -31.22
N CYS A 431 16.84 -10.29 -31.93
CA CYS A 431 17.63 -9.73 -33.02
C CYS A 431 16.80 -9.66 -34.30
N VAL A 432 16.64 -8.45 -34.82
CA VAL A 432 15.86 -8.19 -36.04
C VAL A 432 15.76 -9.41 -36.96
N ALA B 7 23.13 -8.01 17.22
CA ALA B 7 23.27 -9.44 16.95
C ALA B 7 22.17 -10.22 17.66
N GLU B 8 21.08 -10.50 16.93
CA GLU B 8 19.96 -11.25 17.47
C GLU B 8 19.28 -10.57 18.65
N PHE B 9 18.24 -9.79 18.37
CA PHE B 9 17.48 -9.08 19.40
C PHE B 9 18.39 -8.33 20.39
N PRO B 10 19.23 -7.41 19.90
CA PRO B 10 20.12 -6.66 20.79
C PRO B 10 19.41 -5.93 21.93
N GLU B 11 18.20 -5.43 21.66
CA GLU B 11 17.45 -4.67 22.65
C GLU B 11 16.90 -5.46 23.85
N LEU B 12 17.09 -6.77 23.84
CA LEU B 12 16.61 -7.62 24.92
C LEU B 12 17.76 -8.17 25.73
N CYS B 13 18.95 -8.11 25.16
CA CYS B 13 20.12 -8.67 25.81
C CYS B 13 20.67 -8.13 27.13
N SER B 14 20.39 -6.87 27.47
CA SER B 14 20.94 -6.36 28.72
C SER B 14 20.08 -6.53 29.98
N TYR B 15 19.10 -7.41 29.93
CA TYR B 15 18.24 -7.62 31.09
C TYR B 15 17.98 -9.09 31.37
N THR B 16 17.59 -9.38 32.60
CA THR B 16 17.26 -10.75 32.99
C THR B 16 15.73 -10.74 32.94
N TRP B 17 15.16 -11.60 32.10
CA TRP B 17 13.71 -11.66 31.95
C TRP B 17 13.09 -12.83 32.69
N GLU B 18 11.98 -12.58 33.37
CA GLU B 18 11.31 -13.63 34.13
C GLU B 18 9.99 -14.09 33.52
N ALA B 19 9.76 -15.40 33.56
CA ALA B 19 8.55 -16.03 33.07
C ALA B 19 8.17 -17.09 34.11
N VAL B 20 6.88 -17.38 34.23
CA VAL B 20 6.46 -18.38 35.23
C VAL B 20 5.44 -19.36 34.71
N ASP B 21 5.52 -20.57 35.24
CA ASP B 21 4.57 -21.62 34.91
C ASP B 21 3.71 -21.68 36.17
N THR B 22 2.60 -20.97 36.16
CA THR B 22 1.71 -20.92 37.32
C THR B 22 1.20 -22.29 37.78
N LYS B 23 0.71 -23.08 36.84
CA LYS B 23 0.19 -24.39 37.17
C LYS B 23 1.16 -25.30 37.92
N ASN B 24 2.46 -25.10 37.72
CA ASN B 24 3.45 -25.94 38.40
C ASN B 24 4.36 -25.21 39.39
N ASN B 25 4.15 -23.91 39.56
CA ASN B 25 4.95 -23.11 40.49
C ASN B 25 6.43 -23.14 40.10
N MET B 26 6.71 -22.96 38.81
CA MET B 26 8.08 -22.94 38.30
C MET B 26 8.39 -21.53 37.81
N LEU B 27 9.50 -20.96 38.27
CA LEU B 27 9.87 -19.62 37.84
C LEU B 27 11.09 -19.69 36.95
N TYR B 28 11.04 -19.01 35.80
CA TYR B 28 12.15 -19.02 34.87
C TYR B 28 12.87 -17.68 34.76
N LYS B 29 14.20 -17.77 34.75
CA LYS B 29 15.06 -16.61 34.63
C LYS B 29 15.66 -16.70 33.23
N ILE B 30 15.39 -15.71 32.39
CA ILE B 30 15.88 -15.73 31.02
C ILE B 30 16.87 -14.64 30.64
N ASN B 31 17.99 -15.05 30.04
CA ASN B 31 19.02 -14.14 29.56
C ASN B 31 19.35 -14.51 28.11
N ILE B 32 18.83 -13.74 27.18
CA ILE B 32 19.03 -13.98 25.75
C ILE B 32 20.50 -13.95 25.35
N CYS B 33 21.34 -13.41 26.23
CA CYS B 33 22.77 -13.33 25.99
C CYS B 33 23.52 -13.99 27.13
N GLY B 34 22.80 -14.86 27.84
CA GLY B 34 23.28 -15.62 28.98
C GLY B 34 24.69 -15.51 29.53
N ASN B 35 25.26 -14.32 29.56
CA ASN B 35 26.62 -14.19 30.07
C ASN B 35 26.42 -14.23 31.56
N MET B 36 25.18 -14.04 31.90
CA MET B 36 24.92 -13.91 33.21
C MET B 36 24.83 -14.94 34.19
N GLY B 37 24.32 -14.10 35.04
CA GLY B 37 23.88 -14.17 36.35
C GLY B 37 22.44 -14.46 36.35
N VAL B 38 22.59 -15.76 36.25
CA VAL B 38 21.61 -16.57 36.79
C VAL B 38 22.69 -17.61 37.18
N ALA B 39 23.94 -17.20 37.54
CA ALA B 39 24.97 -18.19 37.96
C ALA B 39 24.31 -19.23 38.84
N GLN B 40 23.08 -18.94 39.27
CA GLN B 40 22.31 -19.86 40.08
C GLN B 40 22.16 -21.21 39.36
N CYS B 41 22.26 -21.20 38.04
CA CYS B 41 22.18 -22.40 37.24
C CYS B 41 23.53 -22.64 36.58
N GLY B 42 24.47 -21.71 36.81
CA GLY B 42 25.79 -21.83 36.21
C GLY B 42 26.09 -20.64 35.33
N PRO B 43 27.37 -20.43 34.98
CA PRO B 43 27.77 -19.29 34.14
C PRO B 43 27.35 -19.38 32.68
N SER B 44 26.95 -20.57 32.24
CA SER B 44 26.55 -20.74 30.84
C SER B 44 25.03 -20.86 30.62
N SER B 45 24.27 -20.97 31.70
CA SER B 45 22.83 -21.11 31.59
C SER B 45 22.17 -19.86 31.02
N ALA B 46 21.37 -20.02 29.96
CA ALA B 46 20.64 -18.91 29.37
C ALA B 46 19.21 -18.91 29.94
N VAL B 47 18.71 -20.09 30.27
CA VAL B 47 17.36 -20.23 30.83
C VAL B 47 17.43 -21.00 32.14
N CYS B 48 17.31 -20.30 33.25
CA CYS B 48 17.38 -20.89 34.58
C CYS B 48 16.00 -21.15 35.17
N MET B 49 15.77 -22.38 35.63
CA MET B 49 14.48 -22.76 36.20
C MET B 49 14.53 -22.95 37.72
N HIS B 50 13.68 -22.22 38.43
CA HIS B 50 13.64 -22.30 39.88
C HIS B 50 12.44 -23.16 40.29
N ASP B 51 12.71 -24.40 40.70
CA ASP B 51 11.64 -25.30 41.13
C ASP B 51 11.27 -24.88 42.55
N LEU B 52 10.34 -23.93 42.67
CA LEU B 52 9.95 -23.43 43.98
C LEU B 52 9.43 -24.48 44.94
N LYS B 53 9.14 -25.67 44.42
CA LYS B 53 8.64 -26.77 45.24
C LYS B 53 9.76 -27.30 46.14
N THR B 54 10.87 -27.67 45.51
CA THR B 54 12.03 -28.18 46.22
C THR B 54 13.03 -27.04 46.40
N ASP B 55 12.60 -25.83 46.04
CA ASP B 55 13.45 -24.67 46.13
C ASP B 55 14.85 -24.98 45.59
N SER B 56 14.93 -25.29 44.31
CA SER B 56 16.20 -25.60 43.67
C SER B 56 16.22 -25.09 42.24
N PHE B 57 17.42 -24.89 41.69
CA PHE B 57 17.55 -24.37 40.34
C PHE B 57 18.13 -25.39 39.37
N HIS B 58 17.58 -25.44 38.17
CA HIS B 58 18.05 -26.35 37.13
C HIS B 58 18.04 -25.60 35.80
N SER B 59 19.16 -25.65 35.08
CA SER B 59 19.25 -24.98 33.80
C SER B 59 18.54 -25.81 32.74
N VAL B 60 17.75 -25.15 31.91
CA VAL B 60 17.03 -25.84 30.84
C VAL B 60 17.36 -25.26 29.47
N GLY B 61 18.49 -24.56 29.41
CA GLY B 61 18.97 -23.96 28.17
C GLY B 61 20.32 -23.30 28.38
N ASP B 62 21.33 -23.77 27.64
CA ASP B 62 22.68 -23.23 27.74
C ASP B 62 22.96 -22.19 26.66
N SER B 63 23.60 -21.09 27.05
CA SER B 63 23.92 -19.99 26.12
C SER B 63 24.72 -20.41 24.88
N LEU B 64 25.70 -21.27 25.08
CA LEU B 64 26.56 -21.71 23.99
C LEU B 64 25.91 -22.67 23.01
N LEU B 65 24.88 -23.40 23.46
CA LEU B 65 24.18 -24.35 22.63
C LEU B 65 22.92 -23.73 22.04
N LYS B 66 23.04 -22.48 21.63
CA LYS B 66 21.93 -21.73 21.07
C LYS B 66 21.76 -21.93 19.57
N THR B 67 20.51 -21.79 19.11
CA THR B 67 20.19 -21.90 17.69
C THR B 67 19.23 -20.73 17.41
N ALA B 68 19.64 -19.86 16.50
CA ALA B 68 18.83 -18.69 16.19
C ALA B 68 18.41 -18.53 14.74
N SER B 69 17.19 -18.00 14.58
CA SER B 69 16.62 -17.69 13.29
C SER B 69 15.75 -16.48 13.60
N ARG B 70 15.16 -15.87 12.59
CA ARG B 70 14.33 -14.69 12.82
C ARG B 70 13.20 -14.87 13.85
N SER B 71 12.48 -15.98 13.80
CA SER B 71 11.37 -16.17 14.71
C SER B 71 11.52 -17.30 15.72
N LEU B 72 12.73 -17.84 15.86
CA LEU B 72 12.92 -18.95 16.80
C LEU B 72 14.29 -19.02 17.45
N LEU B 73 14.32 -18.97 18.77
CA LEU B 73 15.55 -19.09 19.53
C LEU B 73 15.48 -20.39 20.32
N GLU B 74 16.44 -21.28 20.13
CA GLU B 74 16.46 -22.55 20.85
C GLU B 74 17.70 -22.70 21.72
N PHE B 75 17.52 -23.19 22.94
CA PHE B 75 18.63 -23.40 23.86
C PHE B 75 18.70 -24.85 24.30
N ASN B 76 19.88 -25.44 24.11
CA ASN B 76 20.12 -26.84 24.46
C ASN B 76 20.90 -27.02 25.74
N THR B 77 20.92 -28.25 26.22
CA THR B 77 21.68 -28.61 27.40
C THR B 77 22.29 -29.98 27.15
N THR B 78 23.20 -30.38 28.01
CA THR B 78 23.84 -31.68 27.89
C THR B 78 23.17 -32.60 28.90
N VAL B 79 22.20 -32.03 29.62
CA VAL B 79 21.44 -32.74 30.64
C VAL B 79 20.46 -33.72 30.00
N ASN B 80 20.67 -35.01 30.26
CA ASN B 80 19.81 -36.06 29.71
C ASN B 80 18.38 -35.89 30.22
N CYS B 81 17.44 -36.45 29.48
CA CYS B 81 16.04 -36.35 29.87
C CYS B 81 15.30 -37.69 29.89
N LYS B 82 14.29 -37.78 30.72
CA LYS B 82 13.49 -39.00 30.86
C LYS B 82 12.56 -39.17 29.66
N LYS B 87 17.20 -35.02 25.60
CA LYS B 87 17.99 -33.90 26.08
C LYS B 87 17.11 -32.69 26.37
N ILE B 88 17.20 -32.19 27.60
CA ILE B 88 16.41 -31.03 28.02
C ILE B 88 16.81 -29.80 27.21
N GLN B 89 15.81 -29.01 26.84
CA GLN B 89 16.06 -27.79 26.08
C GLN B 89 14.95 -26.76 26.22
N SER B 90 15.23 -25.54 25.76
CA SER B 90 14.26 -24.46 25.82
C SER B 90 14.01 -23.92 24.42
N SER B 91 12.77 -23.49 24.20
CA SER B 91 12.34 -22.96 22.90
C SER B 91 11.54 -21.66 23.05
N ILE B 92 11.99 -20.60 22.40
CA ILE B 92 11.29 -19.33 22.46
C ILE B 92 10.84 -18.85 21.09
N THR B 93 9.53 -18.85 20.89
CA THR B 93 8.94 -18.38 19.65
C THR B 93 8.81 -16.87 19.74
N PHE B 94 9.40 -16.17 18.76
CA PHE B 94 9.36 -14.74 18.71
C PHE B 94 8.38 -14.24 17.68
N LEU B 95 7.60 -13.25 18.06
CA LEU B 95 6.63 -12.65 17.16
C LEU B 95 6.78 -11.15 17.31
N CYS B 96 6.61 -10.43 16.21
CA CYS B 96 6.72 -8.99 16.21
C CYS B 96 5.61 -8.40 17.06
N GLY B 97 5.97 -7.45 17.90
CA GLY B 97 5.02 -6.82 18.78
C GLY B 97 5.29 -5.35 18.76
N LYS B 98 4.40 -4.56 19.33
CA LYS B 98 4.57 -3.13 19.34
C LYS B 98 5.26 -2.59 20.60
N THR B 99 5.65 -3.48 21.51
CA THR B 99 6.37 -3.08 22.72
C THR B 99 7.40 -4.16 22.98
N LEU B 100 8.35 -3.89 23.87
CA LEU B 100 9.36 -4.90 24.18
C LEU B 100 8.68 -6.18 24.65
N GLY B 101 7.54 -6.01 25.31
CA GLY B 101 6.78 -7.14 25.80
C GLY B 101 7.43 -7.93 26.90
N THR B 102 6.98 -9.17 27.04
CA THR B 102 7.51 -10.07 28.05
C THR B 102 7.46 -11.48 27.49
N PRO B 103 8.36 -12.36 27.94
CA PRO B 103 8.28 -13.71 27.39
C PRO B 103 7.16 -14.42 28.17
N GLU B 104 6.26 -15.10 27.47
CA GLU B 104 5.19 -15.80 28.16
C GLU B 104 5.46 -17.29 28.17
N PHE B 105 5.26 -17.92 29.32
CA PHE B 105 5.43 -19.36 29.40
C PHE B 105 4.27 -19.99 28.64
N VAL B 106 4.59 -20.87 27.71
CA VAL B 106 3.54 -21.55 26.96
C VAL B 106 3.28 -22.87 27.64
N THR B 107 4.22 -23.79 27.53
CA THR B 107 4.07 -25.10 28.14
C THR B 107 5.44 -25.75 28.31
N ALA B 108 5.46 -26.84 29.08
CA ALA B 108 6.69 -27.59 29.30
C ALA B 108 6.37 -29.06 29.09
N THR B 109 6.92 -29.64 28.02
CA THR B 109 6.68 -31.05 27.76
C THR B 109 7.62 -31.83 28.67
N ASP B 110 7.90 -33.06 28.27
CA ASP B 110 8.78 -33.92 29.05
C ASP B 110 10.20 -33.37 29.08
N CYS B 111 10.71 -32.95 27.92
CA CYS B 111 12.07 -32.45 27.84
C CYS B 111 12.25 -31.00 27.40
N VAL B 112 11.23 -30.43 26.76
CA VAL B 112 11.34 -29.06 26.29
C VAL B 112 10.46 -28.05 27.02
N HIS B 113 10.99 -26.84 27.18
CA HIS B 113 10.27 -25.74 27.83
C HIS B 113 9.99 -24.68 26.78
N TYR B 114 8.70 -24.47 26.46
CA TYR B 114 8.31 -23.49 25.44
C TYR B 114 7.87 -22.13 25.98
N PHE B 115 8.22 -21.09 25.23
CA PHE B 115 7.88 -19.71 25.56
C PHE B 115 7.54 -18.97 24.27
N GLU B 116 6.74 -17.92 24.41
CA GLU B 116 6.31 -17.09 23.31
C GLU B 116 6.61 -15.65 23.74
N TRP B 117 7.21 -14.86 22.84
CA TRP B 117 7.58 -13.48 23.16
C TRP B 117 7.22 -12.48 22.04
N ARG B 118 6.14 -11.73 22.22
CA ARG B 118 5.75 -10.71 21.25
C ARG B 118 6.59 -9.50 21.64
N THR B 119 7.42 -9.03 20.73
CA THR B 119 8.31 -7.92 21.03
C THR B 119 8.77 -7.15 19.80
N THR B 120 8.97 -5.86 19.99
CA THR B 120 9.43 -4.97 18.94
C THR B 120 10.80 -5.42 18.42
N ALA B 121 11.50 -6.25 19.19
CA ALA B 121 12.81 -6.69 18.78
C ALA B 121 12.75 -7.83 17.77
N ALA B 122 11.53 -8.29 17.45
CA ALA B 122 11.37 -9.39 16.50
C ALA B 122 10.67 -8.98 15.20
N CYS B 123 10.51 -7.68 14.99
CA CYS B 123 9.85 -7.20 13.77
C CYS B 123 10.74 -7.16 12.54
N LYS B 124 10.13 -7.28 11.37
CA LYS B 124 10.88 -7.26 10.11
C LYS B 124 11.37 -5.85 9.82
N LYS B 125 10.64 -4.86 10.32
CA LYS B 125 10.99 -3.45 10.15
C LYS B 125 11.34 -2.79 11.48
N ASN B 126 12.44 -2.04 11.48
CA ASN B 126 12.94 -1.34 12.65
C ASN B 126 12.03 -0.21 13.12
N ILE B 127 11.07 0.17 12.29
CA ILE B 127 10.15 1.27 12.62
C ILE B 127 9.36 1.07 13.91
N PHE B 128 9.23 -0.17 14.34
CA PHE B 128 8.49 -0.50 15.55
C PHE B 128 9.37 -0.42 16.79
N LYS B 129 10.69 -0.42 16.60
CA LYS B 129 11.63 -0.36 17.72
C LYS B 129 11.82 1.03 18.33
N ALA B 130 11.67 1.12 19.64
CA ALA B 130 11.83 2.38 20.34
C ALA B 130 13.30 2.72 20.47
N ASN B 131 13.61 4.01 20.56
CA ASN B 131 15.00 4.42 20.72
C ASN B 131 15.54 3.78 21.98
N LYS B 132 14.70 3.74 23.01
CA LYS B 132 15.10 3.12 24.26
C LYS B 132 13.89 2.66 25.07
N GLU B 133 13.81 1.35 25.32
CA GLU B 133 12.72 0.76 26.08
C GLU B 133 13.26 -0.26 27.09
N VAL B 134 12.62 -0.34 28.27
CA VAL B 134 13.08 -1.25 29.32
C VAL B 134 11.98 -2.21 29.79
N PRO B 135 12.33 -3.34 30.44
CA PRO B 135 11.29 -4.28 30.90
C PRO B 135 10.22 -3.51 31.68
N CYS B 136 8.96 -3.74 31.33
CA CYS B 136 7.85 -3.02 31.96
C CYS B 136 6.90 -3.90 32.75
N TYR B 137 7.45 -4.77 33.59
CA TYR B 137 6.60 -5.65 34.39
C TYR B 137 7.43 -6.25 35.52
N ALA B 138 6.73 -6.85 36.47
CA ALA B 138 7.38 -7.49 37.61
C ALA B 138 6.42 -8.46 38.31
N PHE B 139 6.97 -9.56 38.82
CA PHE B 139 6.18 -10.56 39.54
C PHE B 139 6.22 -10.30 41.04
N ASP B 140 5.10 -10.46 41.73
CA ASP B 140 5.10 -10.26 43.19
C ASP B 140 5.48 -11.57 43.88
N ARG B 141 5.47 -11.54 45.22
CA ARG B 141 5.82 -12.72 46.01
C ARG B 141 5.00 -13.97 45.65
N GLU B 142 3.80 -13.79 45.13
CA GLU B 142 2.95 -14.92 44.77
C GLU B 142 3.12 -15.39 43.33
N LEU B 143 4.06 -14.81 42.60
CA LEU B 143 4.30 -15.19 41.21
C LEU B 143 3.18 -14.69 40.28
N LYS B 144 2.53 -13.61 40.68
CA LYS B 144 1.46 -13.00 39.88
C LYS B 144 2.14 -11.84 39.14
N LYS B 145 1.81 -11.66 37.86
CA LYS B 145 2.42 -10.59 37.10
C LYS B 145 1.71 -9.26 37.10
N HIS B 146 2.49 -8.21 37.27
CA HIS B 146 2.01 -6.83 37.25
C HIS B 146 2.64 -6.33 35.95
N ASP B 147 1.81 -6.05 34.94
CA ASP B 147 2.30 -5.66 33.62
C ASP B 147 1.80 -4.29 33.16
N LEU B 148 2.73 -3.39 32.82
CA LEU B 148 2.36 -2.05 32.37
C LEU B 148 2.53 -1.86 30.86
N ASN B 149 2.80 -2.94 30.15
CA ASN B 149 2.95 -2.81 28.69
C ASN B 149 1.77 -2.11 28.02
N PRO B 150 0.52 -2.35 28.49
CA PRO B 150 -0.64 -1.71 27.90
C PRO B 150 -0.63 -0.18 27.93
N LEU B 151 0.14 0.38 28.85
CA LEU B 151 0.23 1.84 29.01
C LEU B 151 1.31 2.50 28.15
N ILE B 152 2.21 1.67 27.60
CA ILE B 152 3.30 2.16 26.76
C ILE B 152 2.77 2.78 25.49
N LYS B 153 3.10 4.05 25.25
CA LYS B 153 2.66 4.73 24.03
C LYS B 153 3.73 4.59 22.96
N THR B 154 3.30 4.30 21.74
CA THR B 154 4.23 4.17 20.63
C THR B 154 4.26 5.49 19.87
N SER B 155 3.28 6.35 20.17
CA SER B 155 3.22 7.67 19.56
C SER B 155 2.69 8.68 20.58
N GLY B 156 3.52 9.65 20.96
CA GLY B 156 3.10 10.66 21.92
C GLY B 156 3.39 10.27 23.36
N ALA B 157 2.80 11.01 24.31
CA ALA B 157 3.01 10.77 25.73
C ALA B 157 1.83 11.24 26.60
N TYR B 158 1.96 11.10 27.91
CA TYR B 158 0.90 11.52 28.83
C TYR B 158 1.17 12.86 29.50
N LEU B 159 0.13 13.67 29.61
CA LEU B 159 0.26 14.97 30.26
C LEU B 159 0.14 14.73 31.77
N VAL B 160 1.11 15.21 32.53
CA VAL B 160 1.05 15.04 33.98
C VAL B 160 0.31 16.22 34.62
N ASP B 161 -0.45 15.94 35.66
CA ASP B 161 -1.20 16.98 36.36
C ASP B 161 -0.31 17.74 37.33
N ASP B 162 -0.27 19.06 37.18
CA ASP B 162 0.51 19.93 38.06
C ASP B 162 -0.17 21.29 38.13
N SER B 163 0.09 22.05 39.19
CA SER B 163 -0.52 23.36 39.34
C SER B 163 0.16 24.45 38.54
N ASP B 164 1.33 24.15 38.00
CA ASP B 164 2.09 25.11 37.20
C ASP B 164 1.42 25.29 35.84
N PRO B 165 0.68 26.39 35.65
CA PRO B 165 -0.03 26.64 34.38
C PRO B 165 0.89 26.99 33.21
N ASP B 166 2.09 27.48 33.53
CA ASP B 166 3.02 27.87 32.47
C ASP B 166 4.01 26.78 32.05
N THR B 167 3.76 25.55 32.48
CA THR B 167 4.62 24.41 32.12
C THR B 167 3.81 23.12 32.03
N SER B 168 4.15 22.29 31.05
CA SER B 168 3.49 21.01 30.86
C SER B 168 4.55 19.94 31.07
N LEU B 169 4.20 18.88 31.78
CA LEU B 169 5.14 17.79 32.01
C LEU B 169 4.61 16.57 31.25
N PHE B 170 5.41 16.06 30.33
CA PHE B 170 5.02 14.89 29.55
C PHE B 170 5.90 13.70 29.87
N ILE B 171 5.28 12.52 29.91
CA ILE B 171 5.99 11.29 30.19
C ILE B 171 5.45 10.15 29.34
N ASN B 172 6.28 9.12 29.15
CA ASN B 172 5.84 7.92 28.47
C ASN B 172 6.16 6.86 29.50
N VAL B 173 5.78 5.62 29.23
CA VAL B 173 6.02 4.55 30.19
C VAL B 173 7.01 3.53 29.67
N CYS B 174 8.11 3.37 30.41
CA CYS B 174 9.15 2.43 30.10
C CYS B 174 9.94 2.67 28.81
N ARG B 175 9.75 3.83 28.22
CA ARG B 175 10.47 4.13 27.01
C ARG B 175 10.43 5.61 26.70
N ASP B 176 11.18 5.99 25.68
CA ASP B 176 11.25 7.37 25.22
C ASP B 176 9.93 7.72 24.57
N ILE B 177 9.70 9.02 24.45
CA ILE B 177 8.50 9.56 23.84
C ILE B 177 8.72 9.72 22.33
N GLU B 178 7.83 9.13 21.54
CA GLU B 178 7.93 9.25 20.09
C GLU B 178 7.45 10.65 19.76
N VAL B 179 8.38 11.55 19.42
CA VAL B 179 8.00 12.94 19.14
C VAL B 179 7.69 13.32 17.70
N LEU B 180 8.33 12.67 16.75
CA LEU B 180 8.14 12.98 15.33
C LEU B 180 6.68 12.86 14.86
N ARG B 181 5.94 11.89 15.38
CA ARG B 181 4.54 11.72 14.99
C ARG B 181 3.55 11.87 16.15
N ALA B 182 3.97 12.59 17.20
CA ALA B 182 3.15 12.81 18.38
C ALA B 182 1.77 13.40 18.08
N SER B 183 0.76 12.92 18.82
CA SER B 183 -0.60 13.41 18.61
C SER B 183 -0.70 14.87 19.04
N SER B 184 0.06 15.23 20.07
CA SER B 184 0.06 16.60 20.57
C SER B 184 1.13 17.44 19.89
N PRO B 185 0.77 18.65 19.46
CA PRO B 185 1.76 19.52 18.81
C PRO B 185 2.85 19.91 19.80
N GLN B 186 2.46 20.14 21.06
CA GLN B 186 3.42 20.49 22.09
C GLN B 186 4.48 19.39 22.24
N VAL B 187 4.03 18.15 22.38
CA VAL B 187 4.96 17.03 22.55
C VAL B 187 5.98 16.96 21.41
N ARG B 188 5.55 17.30 20.20
CA ARG B 188 6.43 17.26 19.03
C ARG B 188 7.66 18.15 19.16
N VAL B 189 7.63 19.09 20.11
CA VAL B 189 8.75 20.00 20.32
C VAL B 189 9.75 19.41 21.32
N CYS B 190 9.44 18.23 21.85
CA CYS B 190 10.30 17.56 22.82
C CYS B 190 11.56 16.96 22.22
N PRO B 191 12.62 16.86 23.04
CA PRO B 191 13.90 16.29 22.61
C PRO B 191 13.74 14.81 22.31
N THR B 192 14.47 14.32 21.31
CA THR B 192 14.40 12.92 20.93
C THR B 192 15.04 12.07 22.02
N GLY B 193 14.43 10.92 22.32
CA GLY B 193 14.98 10.03 23.33
C GLY B 193 14.56 10.27 24.77
N ALA B 194 13.84 11.34 25.05
CA ALA B 194 13.40 11.64 26.41
C ALA B 194 12.17 10.85 26.80
N ALA B 195 12.16 10.36 28.04
CA ALA B 195 11.05 9.59 28.61
C ALA B 195 10.14 10.56 29.35
N ALA B 196 10.71 11.70 29.73
CA ALA B 196 9.98 12.76 30.41
C ALA B 196 10.45 14.06 29.75
N CYS B 197 9.49 14.92 29.43
CA CYS B 197 9.80 16.16 28.76
C CYS B 197 9.08 17.33 29.43
N LEU B 198 9.79 18.44 29.63
CA LEU B 198 9.18 19.61 30.25
C LEU B 198 9.09 20.77 29.25
N VAL B 199 7.88 21.23 29.00
CA VAL B 199 7.65 22.33 28.08
C VAL B 199 7.40 23.63 28.84
N ARG B 200 8.14 24.67 28.46
CA ARG B 200 8.02 25.99 29.06
C ARG B 200 8.44 27.04 28.04
N GLY B 201 7.59 28.03 27.83
CA GLY B 201 7.90 29.08 26.87
C GLY B 201 8.36 28.53 25.53
N ASP B 202 7.50 27.73 24.90
CA ASP B 202 7.79 27.13 23.60
C ASP B 202 9.13 26.40 23.58
N ARG B 203 9.69 26.17 24.77
CA ARG B 203 10.95 25.47 24.92
C ARG B 203 10.71 24.13 25.63
N ALA B 204 11.37 23.07 25.16
CA ALA B 204 11.21 21.75 25.75
C ALA B 204 12.54 21.23 26.29
N PHE B 205 12.50 20.64 27.48
CA PHE B 205 13.70 20.09 28.12
C PHE B 205 13.58 18.58 28.28
N ASP B 206 14.72 17.89 28.28
CA ASP B 206 14.76 16.45 28.47
C ASP B 206 15.04 16.29 29.96
N VAL B 207 14.01 15.96 30.73
CA VAL B 207 14.16 15.82 32.18
C VAL B 207 14.27 14.38 32.70
N GLY B 208 14.45 13.42 31.80
CA GLY B 208 14.56 12.04 32.22
C GLY B 208 14.50 11.02 31.10
N ARG B 209 15.48 10.12 31.08
CA ARG B 209 15.54 9.08 30.07
C ARG B 209 15.46 7.69 30.72
N PRO B 210 15.00 6.68 29.97
CA PRO B 210 14.85 5.30 30.45
C PRO B 210 16.17 4.57 30.73
N GLN B 211 16.31 4.05 31.95
CA GLN B 211 17.53 3.34 32.34
C GLN B 211 17.27 1.91 32.80
N GLU B 212 16.77 1.74 34.01
CA GLU B 212 16.51 0.39 34.49
C GLU B 212 15.03 -0.01 34.35
N GLY B 213 14.77 -1.30 34.33
CA GLY B 213 13.41 -1.78 34.22
C GLY B 213 12.52 -1.39 35.38
N LEU B 214 11.23 -1.63 35.22
CA LEU B 214 10.20 -1.36 36.22
C LEU B 214 10.55 -2.09 37.51
N LYS B 215 10.33 -1.42 38.65
CA LYS B 215 10.63 -2.02 39.94
C LYS B 215 9.37 -2.22 40.77
N LEU B 216 9.30 -3.33 41.50
CA LEU B 216 8.14 -3.59 42.35
C LEU B 216 8.62 -3.43 43.79
N VAL B 217 8.15 -2.37 44.44
CA VAL B 217 8.55 -2.10 45.83
C VAL B 217 7.53 -2.57 46.84
N SER B 218 6.29 -2.10 46.71
CA SER B 218 5.24 -2.52 47.62
C SER B 218 4.34 -3.52 46.90
N ASN B 219 3.74 -4.42 47.67
CA ASN B 219 2.85 -5.42 47.14
C ASN B 219 1.95 -4.82 46.06
N ASP B 220 1.50 -3.59 46.29
CA ASP B 220 0.62 -2.90 45.35
C ASP B 220 1.28 -1.66 44.74
N ARG B 221 2.60 -1.57 44.78
CA ARG B 221 3.29 -0.41 44.23
C ARG B 221 4.50 -0.71 43.35
N LEU B 222 4.51 -0.08 42.17
CA LEU B 222 5.59 -0.23 41.21
C LEU B 222 6.20 1.15 40.98
N VAL B 223 7.51 1.21 40.76
CA VAL B 223 8.17 2.50 40.50
C VAL B 223 9.07 2.39 39.28
N LEU B 224 9.18 3.49 38.56
CA LEU B 224 10.03 3.54 37.37
C LEU B 224 10.88 4.78 37.54
N SER B 225 12.19 4.66 37.34
CA SER B 225 13.08 5.80 37.51
C SER B 225 13.74 6.28 36.22
N TYR B 226 13.64 7.59 35.99
CA TYR B 226 14.24 8.21 34.82
C TYR B 226 15.29 9.20 35.28
N VAL B 227 16.44 9.18 34.61
CA VAL B 227 17.54 10.08 34.94
C VAL B 227 18.17 10.66 33.68
N LYS B 228 18.70 11.89 33.78
CA LYS B 228 19.37 12.53 32.65
C LYS B 228 20.88 12.35 32.70
N PRO B 234 20.08 22.44 32.23
CA PRO B 234 18.85 23.24 32.28
C PRO B 234 18.82 24.24 33.44
N ASP B 235 18.59 25.50 33.08
CA ASP B 235 18.54 26.60 34.03
C ASP B 235 18.05 26.25 35.44
N PHE B 236 16.73 26.24 35.60
CA PHE B 236 16.08 25.96 36.87
C PHE B 236 16.57 24.74 37.66
N CYS B 237 17.51 23.99 37.10
CA CYS B 237 18.02 22.81 37.80
C CYS B 237 19.04 23.23 38.85
N ASP B 238 19.61 24.42 38.68
CA ASP B 238 20.60 24.95 39.61
C ASP B 238 21.60 23.90 40.03
N GLY B 239 22.32 23.30 39.08
CA GLY B 239 23.28 22.30 39.51
C GLY B 239 22.67 21.03 40.08
N HIS B 240 21.67 20.49 39.39
CA HIS B 240 21.01 19.26 39.80
C HIS B 240 20.54 18.47 38.59
N SER B 241 21.03 17.25 38.43
CA SER B 241 20.63 16.42 37.31
C SER B 241 19.14 16.14 37.40
N PRO B 242 18.38 16.42 36.32
CA PRO B 242 16.95 16.17 36.30
C PRO B 242 16.64 14.69 36.53
N ALA B 243 15.58 14.40 37.26
CA ALA B 243 15.18 13.02 37.54
C ALA B 243 13.67 12.89 37.67
N VAL B 244 13.14 11.78 37.20
CA VAL B 244 11.70 11.54 37.29
C VAL B 244 11.46 10.16 37.89
N THR B 245 10.60 10.11 38.91
CA THR B 245 10.27 8.85 39.57
C THR B 245 8.76 8.67 39.55
N ILE B 246 8.31 7.64 38.85
CA ILE B 246 6.89 7.38 38.77
C ILE B 246 6.52 6.23 39.68
N THR B 247 5.51 6.43 40.50
CA THR B 247 5.06 5.39 41.40
C THR B 247 3.66 4.99 40.94
N PHE B 248 3.52 3.73 40.54
CA PHE B 248 2.23 3.22 40.07
C PHE B 248 1.56 2.46 41.22
N VAL B 249 0.31 2.79 41.49
CA VAL B 249 -0.41 2.16 42.58
C VAL B 249 -1.70 1.46 42.18
N CYS B 250 -1.83 0.20 42.61
CA CYS B 250 -3.02 -0.60 42.35
C CYS B 250 -4.03 -0.21 43.43
N PRO B 251 -5.16 0.40 43.05
CA PRO B 251 -6.16 0.78 44.06
C PRO B 251 -6.88 -0.45 44.62
N SER B 252 -7.36 -0.34 45.86
CA SER B 252 -8.08 -1.45 46.50
C SER B 252 -9.46 -1.67 45.91
N GLU B 253 -10.01 -0.64 45.27
CA GLU B 253 -11.33 -0.67 44.65
C GLU B 253 -11.28 -0.20 43.19
N ARG B 254 -12.17 -0.73 42.35
CA ARG B 254 -12.24 -0.32 40.96
C ARG B 254 -12.71 1.14 40.90
N ARG B 255 -12.09 1.94 40.04
CA ARG B 255 -12.48 3.33 39.85
C ARG B 255 -12.21 3.74 38.41
N GLU B 256 -12.71 4.91 38.02
CA GLU B 256 -12.49 5.41 36.68
C GLU B 256 -11.03 5.82 36.53
N GLY B 257 -10.48 5.70 35.33
CA GLY B 257 -9.10 6.07 35.11
C GLY B 257 -8.75 7.48 35.57
N THR B 258 -7.53 7.64 36.06
CA THR B 258 -7.06 8.95 36.52
C THR B 258 -5.72 9.27 35.86
N ILE B 259 -5.50 10.55 35.63
CA ILE B 259 -4.26 11.03 35.03
C ILE B 259 -3.14 10.98 36.07
N PRO B 260 -1.89 10.75 35.63
CA PRO B 260 -0.81 10.71 36.62
C PRO B 260 -0.63 12.11 37.21
N LYS B 261 -0.35 12.18 38.52
CA LYS B 261 -0.20 13.47 39.19
C LYS B 261 1.20 13.75 39.73
N LEU B 262 1.59 15.03 39.66
CA LEU B 262 2.90 15.45 40.15
C LEU B 262 2.80 15.61 41.67
N THR B 263 3.72 14.98 42.39
CA THR B 263 3.71 15.06 43.85
C THR B 263 4.94 15.77 44.43
N ALA B 264 5.85 16.22 43.56
CA ALA B 264 7.05 16.92 44.00
C ALA B 264 7.93 17.34 42.83
N LYS B 265 8.18 18.65 42.71
CA LYS B 265 9.02 19.17 41.65
C LYS B 265 10.21 19.92 42.26
N SER B 266 10.88 19.25 43.19
CA SER B 266 12.05 19.83 43.88
C SER B 266 13.28 19.93 42.98
N ASN B 267 13.46 21.08 42.34
CA ASN B 267 14.60 21.31 41.46
C ASN B 267 14.92 20.16 40.50
N CYS B 268 14.22 20.13 39.36
CA CYS B 268 14.43 19.10 38.35
C CYS B 268 14.43 17.67 38.91
N ARG B 269 13.77 17.49 40.03
CA ARG B 269 13.66 16.19 40.69
C ARG B 269 12.16 15.92 40.80
N PHE B 270 11.58 15.37 39.73
CA PHE B 270 10.15 15.14 39.69
C PHE B 270 9.64 13.81 40.22
N GLU B 271 8.63 13.89 41.08
CA GLU B 271 8.00 12.70 41.66
C GLU B 271 6.56 12.63 41.15
N ILE B 272 6.18 11.47 40.61
CA ILE B 272 4.84 11.29 40.07
C ILE B 272 4.15 10.01 40.54
N GLU B 273 2.92 10.16 41.00
CA GLU B 273 2.14 9.02 41.45
C GLU B 273 1.04 8.77 40.42
N TRP B 274 0.87 7.51 40.04
CA TRP B 274 -0.16 7.19 39.04
C TRP B 274 -1.03 6.05 39.51
N VAL B 275 -2.26 6.36 39.89
CA VAL B 275 -3.19 5.34 40.34
C VAL B 275 -3.78 4.65 39.11
N THR B 276 -3.43 3.39 38.89
CA THR B 276 -3.93 2.68 37.73
C THR B 276 -4.10 1.19 38.02
N GLU B 277 -5.22 0.61 37.60
CA GLU B 277 -5.42 -0.82 37.82
C GLU B 277 -4.44 -1.67 37.03
N TYR B 278 -3.73 -1.07 36.08
CA TYR B 278 -2.72 -1.82 35.33
C TYR B 278 -1.58 -2.19 36.27
N ALA B 279 -1.55 -1.55 37.44
CA ALA B 279 -0.50 -1.87 38.43
C ALA B 279 -0.92 -3.05 39.31
N CYS B 280 -2.15 -3.53 39.14
CA CYS B 280 -2.63 -4.66 39.92
C CYS B 280 -2.14 -5.94 39.26
N HIS B 281 -2.41 -7.11 39.83
CA HIS B 281 -1.94 -8.28 39.13
C HIS B 281 -2.82 -8.49 37.88
N ARG B 282 -2.21 -8.96 36.80
CA ARG B 282 -2.88 -9.13 35.52
C ARG B 282 -4.11 -10.03 35.47
N ASP B 283 -4.15 -11.11 36.25
CA ASP B 283 -5.31 -12.01 36.21
C ASP B 283 -6.55 -11.34 36.79
N TYR B 284 -6.35 -10.21 37.45
CA TYR B 284 -7.46 -9.47 38.05
C TYR B 284 -8.09 -8.62 36.95
N LEU B 285 -7.33 -8.41 35.88
CA LEU B 285 -7.82 -7.58 34.80
C LEU B 285 -8.29 -8.34 33.56
N GLU B 286 -7.77 -9.55 33.36
CA GLU B 286 -8.06 -10.27 32.13
C GLU B 286 -8.57 -11.70 32.18
N SER B 287 -9.25 -12.06 31.10
CA SER B 287 -9.80 -13.40 30.90
C SER B 287 -9.55 -13.84 29.44
N ARG B 288 -9.36 -15.14 29.23
CA ARG B 288 -9.16 -15.66 27.89
C ARG B 288 -10.52 -16.06 27.32
N SER B 289 -11.59 -15.64 27.98
CA SER B 289 -12.94 -15.96 27.51
C SER B 289 -13.75 -14.67 27.53
N CYS B 290 -14.96 -14.77 27.00
CA CYS B 290 -15.85 -13.63 26.92
C CYS B 290 -16.55 -13.21 28.20
N SER B 291 -16.05 -13.61 29.35
CA SER B 291 -16.66 -13.18 30.58
C SER B 291 -15.64 -12.91 31.69
N LEU B 292 -16.02 -12.03 32.61
CA LEU B 292 -15.17 -11.72 33.75
C LEU B 292 -16.10 -11.97 34.94
N SER B 293 -15.55 -12.40 36.06
CA SER B 293 -16.38 -12.67 37.23
C SER B 293 -16.09 -11.71 38.39
N SER B 294 -17.05 -11.56 39.28
CA SER B 294 -16.89 -10.70 40.46
C SER B 294 -15.71 -11.22 41.29
N ALA B 295 -15.68 -12.53 41.47
CA ALA B 295 -14.65 -13.18 42.28
C ALA B 295 -13.23 -12.97 41.80
N GLN B 296 -13.01 -13.03 40.50
CA GLN B 296 -11.66 -12.86 39.99
C GLN B 296 -11.27 -11.44 39.65
N HIS B 297 -12.22 -10.72 39.07
CA HIS B 297 -12.00 -9.37 38.56
C HIS B 297 -12.75 -8.24 39.25
N ASP B 298 -13.62 -8.59 40.21
CA ASP B 298 -14.45 -7.61 40.92
C ASP B 298 -15.45 -6.98 39.96
N VAL B 299 -15.69 -7.67 38.86
CA VAL B 299 -16.65 -7.20 37.88
C VAL B 299 -17.19 -8.42 37.15
N ALA B 300 -18.51 -8.45 37.00
CA ALA B 300 -19.19 -9.55 36.35
C ALA B 300 -19.52 -9.13 34.93
N VAL B 301 -18.93 -9.81 33.95
CA VAL B 301 -19.18 -9.47 32.56
C VAL B 301 -19.35 -10.77 31.78
N ASP B 302 -20.24 -10.73 30.80
CA ASP B 302 -20.52 -11.87 29.94
C ASP B 302 -20.98 -11.29 28.60
N LEU B 303 -20.10 -11.31 27.61
CA LEU B 303 -20.42 -10.77 26.31
C LEU B 303 -20.93 -11.86 25.38
N GLN B 304 -20.99 -13.08 25.89
CA GLN B 304 -21.47 -14.23 25.11
C GLN B 304 -22.76 -13.96 24.36
N PRO B 305 -23.76 -13.35 25.03
CA PRO B 305 -25.03 -13.08 24.36
C PRO B 305 -24.93 -12.23 23.10
N LEU B 306 -23.71 -12.02 22.63
CA LEU B 306 -23.48 -11.24 21.43
C LEU B 306 -23.10 -12.12 20.25
N SER B 307 -22.67 -13.36 20.53
CA SER B 307 -22.28 -14.27 19.47
C SER B 307 -23.42 -14.56 18.50
N ARG B 308 -24.65 -14.31 18.95
CA ARG B 308 -25.84 -14.54 18.13
C ARG B 308 -26.53 -13.21 17.80
N VAL B 309 -26.43 -12.80 16.54
CA VAL B 309 -27.03 -11.55 16.08
C VAL B 309 -28.52 -11.71 15.85
N ALA B 311 -29.62 -16.50 15.14
CA ALA B 311 -30.75 -15.77 15.70
C ALA B 311 -31.64 -15.20 14.59
N SER B 312 -31.03 -14.48 13.65
CA SER B 312 -31.77 -13.88 12.53
C SER B 312 -31.41 -14.53 11.20
N ASP B 313 -30.51 -13.89 10.46
CA ASP B 313 -30.07 -14.39 9.15
C ASP B 313 -28.55 -14.38 9.01
N SER B 314 -27.89 -13.50 9.76
CA SER B 314 -26.44 -13.38 9.73
C SER B 314 -25.88 -13.29 11.14
N LEU B 315 -25.33 -14.39 11.66
CA LEU B 315 -24.78 -14.41 13.01
C LEU B 315 -23.45 -13.67 13.08
N PHE B 316 -23.25 -12.73 12.16
CA PHE B 316 -22.04 -11.92 12.11
C PHE B 316 -22.39 -10.45 11.89
N TYR B 317 -21.62 -9.58 12.53
CA TYR B 317 -21.84 -8.15 12.40
C TYR B 317 -20.98 -7.65 11.25
N THR B 318 -21.31 -6.50 10.68
CA THR B 318 -20.51 -5.97 9.59
C THR B 318 -20.21 -4.51 9.90
N SER B 319 -18.98 -4.11 9.63
CA SER B 319 -18.56 -2.74 9.89
C SER B 319 -17.84 -2.16 8.65
N GLU B 320 -18.47 -1.18 8.00
CA GLU B 320 -17.94 -0.55 6.80
C GLU B 320 -16.81 0.46 7.02
N ALA B 321 -15.80 0.40 6.17
CA ALA B 321 -14.68 1.33 6.23
C ALA B 321 -14.57 2.00 4.86
N ASP B 322 -13.61 2.91 4.69
CA ASP B 322 -13.48 3.58 3.41
C ASP B 322 -13.12 2.60 2.29
N GLU B 323 -12.12 1.75 2.51
CA GLU B 323 -11.69 0.79 1.49
C GLU B 323 -11.96 -0.66 1.82
N TYR B 324 -12.51 -0.93 3.00
CA TYR B 324 -12.77 -2.31 3.39
C TYR B 324 -14.07 -2.42 4.15
N THR B 325 -14.45 -3.68 4.39
CA THR B 325 -15.64 -4.04 5.16
C THR B 325 -15.16 -5.05 6.22
N TYR B 326 -15.51 -4.82 7.47
CA TYR B 326 -15.10 -5.77 8.50
C TYR B 326 -16.28 -6.62 8.93
N TYR B 327 -16.03 -7.92 9.06
CA TYR B 327 -17.07 -8.85 9.49
C TYR B 327 -16.64 -9.43 10.81
N LEU B 328 -17.47 -9.26 11.83
CA LEU B 328 -17.13 -9.77 13.15
C LEU B 328 -18.11 -10.77 13.72
N SER B 329 -17.57 -11.85 14.28
CA SER B 329 -18.36 -12.88 14.94
C SER B 329 -17.52 -13.14 16.17
N ILE B 330 -17.98 -12.65 17.31
CA ILE B 330 -17.23 -12.78 18.53
C ILE B 330 -17.83 -13.78 19.51
N CYS B 331 -16.99 -14.23 20.43
CA CYS B 331 -17.37 -15.19 21.45
C CYS B 331 -17.93 -16.47 20.84
N GLY B 332 -17.17 -17.05 19.92
CA GLY B 332 -17.60 -18.28 19.30
C GLY B 332 -18.70 -18.08 18.27
N GLY B 333 -19.06 -16.83 18.02
CA GLY B 333 -20.10 -16.56 17.04
C GLY B 333 -19.72 -17.12 15.68
N SER B 334 -20.72 -17.46 14.87
CA SER B 334 -20.48 -18.02 13.55
C SER B 334 -19.99 -16.91 12.63
N GLN B 335 -19.10 -17.26 11.71
CA GLN B 335 -18.56 -16.26 10.79
C GLN B 335 -19.37 -16.18 9.49
N ALA B 336 -18.96 -15.27 8.62
CA ALA B 336 -19.63 -15.07 7.34
C ALA B 336 -19.00 -15.94 6.24
N PRO B 337 -19.80 -16.31 5.22
CA PRO B 337 -19.37 -17.15 4.08
C PRO B 337 -18.13 -16.65 3.34
N ILE B 338 -17.95 -15.33 3.27
CA ILE B 338 -16.79 -14.75 2.58
C ILE B 338 -15.49 -15.08 3.31
N CYS B 339 -15.60 -15.49 4.56
CA CYS B 339 -14.43 -15.84 5.38
C CYS B 339 -14.59 -17.27 5.87
N ASN B 340 -15.42 -18.04 5.17
CA ASN B 340 -15.69 -19.44 5.49
C ASN B 340 -14.52 -20.37 5.15
N LYS B 341 -13.30 -19.94 5.49
CA LYS B 341 -12.13 -20.76 5.19
C LYS B 341 -10.90 -20.26 5.92
N LYS B 342 -11.03 -19.11 6.58
CA LYS B 342 -9.91 -18.51 7.28
C LYS B 342 -9.93 -18.67 8.80
N ASP B 343 -11.09 -18.95 9.37
CA ASP B 343 -11.22 -19.08 10.82
C ASP B 343 -10.81 -17.73 11.42
N ALA B 344 -11.71 -16.77 11.35
CA ALA B 344 -11.41 -15.44 11.85
C ALA B 344 -12.49 -14.84 12.73
N ALA B 345 -12.06 -14.21 13.81
CA ALA B 345 -12.96 -13.54 14.72
C ALA B 345 -13.31 -12.25 14.01
N VAL B 346 -12.29 -11.66 13.39
CA VAL B 346 -12.46 -10.41 12.67
C VAL B 346 -11.85 -10.61 11.30
N CYS B 347 -12.66 -10.34 10.28
CA CYS B 347 -12.23 -10.54 8.91
C CYS B 347 -12.34 -9.27 8.09
N GLN B 348 -11.24 -8.87 7.47
CA GLN B 348 -11.19 -7.65 6.65
C GLN B 348 -11.30 -7.98 5.16
N VAL B 349 -12.29 -7.40 4.49
CA VAL B 349 -12.50 -7.64 3.06
C VAL B 349 -12.34 -6.36 2.24
N LYS B 350 -11.44 -6.41 1.26
CA LYS B 350 -11.20 -5.26 0.38
C LYS B 350 -12.42 -5.09 -0.52
N LYS B 351 -12.87 -3.85 -0.67
CA LYS B 351 -14.04 -3.55 -1.49
C LYS B 351 -13.77 -3.63 -2.99
N ALA B 352 -12.71 -2.96 -3.44
CA ALA B 352 -12.33 -2.95 -4.84
C ALA B 352 -12.10 -4.36 -5.37
N ASP B 353 -11.75 -5.27 -4.48
CA ASP B 353 -11.47 -6.66 -4.87
C ASP B 353 -11.86 -7.61 -3.74
N SER B 354 -13.15 -7.93 -3.66
CA SER B 354 -13.69 -8.82 -2.63
C SER B 354 -12.99 -10.18 -2.50
N THR B 355 -11.90 -10.39 -3.24
CA THR B 355 -11.19 -11.67 -3.16
C THR B 355 -10.10 -11.61 -2.11
N GLN B 356 -9.63 -10.39 -1.79
CA GLN B 356 -8.59 -10.21 -0.78
C GLN B 356 -9.19 -10.21 0.60
N VAL B 357 -9.02 -11.32 1.31
CA VAL B 357 -9.55 -11.50 2.65
C VAL B 357 -8.44 -11.69 3.69
N LYS B 358 -8.25 -10.68 4.52
CA LYS B 358 -7.22 -10.72 5.55
C LYS B 358 -7.80 -10.99 6.94
N VAL B 359 -7.16 -11.90 7.67
CA VAL B 359 -7.59 -12.24 9.02
C VAL B 359 -7.03 -11.19 9.97
N ALA B 360 -7.93 -10.56 10.74
CA ALA B 360 -7.53 -9.52 11.68
C ALA B 360 -7.67 -9.95 13.13
N GLY B 361 -7.81 -11.25 13.35
CA GLY B 361 -7.94 -11.76 14.70
C GLY B 361 -8.59 -13.13 14.66
N ARG B 362 -8.13 -14.02 15.53
CA ARG B 362 -8.67 -15.38 15.60
C ARG B 362 -9.39 -15.67 16.90
N PRO B 363 -10.47 -16.46 16.84
CA PRO B 363 -11.28 -16.81 18.00
C PRO B 363 -10.55 -17.49 19.15
N GLN B 364 -9.53 -18.31 18.85
CA GLN B 364 -8.78 -18.98 19.90
C GLN B 364 -7.88 -17.97 20.62
N ASN B 365 -7.75 -16.78 20.05
CA ASN B 365 -6.88 -15.79 20.67
C ASN B 365 -7.54 -14.50 21.05
N LEU B 366 -8.29 -14.63 22.13
CA LEU B 366 -9.09 -13.57 22.70
C LEU B 366 -8.62 -13.21 24.11
N THR B 367 -8.70 -11.92 24.42
CA THR B 367 -8.36 -11.42 25.73
C THR B 367 -9.39 -10.37 26.07
N LEU B 368 -10.20 -10.65 27.10
CA LEU B 368 -11.21 -9.68 27.54
C LEU B 368 -10.55 -8.98 28.71
N ARG B 369 -10.52 -7.66 28.68
CA ARG B 369 -9.86 -6.91 29.74
C ARG B 369 -10.68 -5.76 30.33
N TYR B 370 -10.60 -5.58 31.64
CA TYR B 370 -11.27 -4.47 32.30
C TYR B 370 -10.25 -3.76 33.20
N SER B 371 -10.00 -2.49 32.93
CA SER B 371 -9.04 -1.73 33.71
C SER B 371 -9.34 -0.24 33.60
N ASP B 372 -9.30 0.44 34.75
CA ASP B 372 -9.54 1.89 34.78
C ASP B 372 -10.82 2.33 34.08
N GLY B 373 -11.91 1.61 34.32
CA GLY B 373 -13.18 1.96 33.70
C GLY B 373 -13.41 1.51 32.25
N ASP B 374 -12.44 0.87 31.63
CA ASP B 374 -12.62 0.48 30.25
C ASP B 374 -12.67 -1.01 30.03
N LEU B 375 -13.62 -1.44 29.23
CA LEU B 375 -13.75 -2.85 28.92
C LEU B 375 -13.21 -3.02 27.51
N THR B 376 -12.20 -3.86 27.35
CA THR B 376 -11.61 -4.05 26.04
C THR B 376 -11.56 -5.53 25.63
N LEU B 377 -11.97 -5.81 24.40
CA LEU B 377 -11.94 -7.17 23.87
C LEU B 377 -10.87 -7.19 22.78
N ILE B 378 -9.80 -7.94 23.01
CA ILE B 378 -8.71 -7.98 22.06
C ILE B 378 -8.55 -9.33 21.36
N TYR B 379 -8.57 -9.32 20.02
CA TYR B 379 -8.37 -10.53 19.24
C TYR B 379 -7.05 -10.38 18.54
N PHE B 380 -6.17 -11.36 18.68
CA PHE B 380 -4.88 -11.33 18.03
C PHE B 380 -4.64 -12.57 17.20
N GLY B 381 -3.40 -12.79 16.80
CA GLY B 381 -3.08 -13.96 16.00
C GLY B 381 -3.56 -13.87 14.56
N GLY B 382 -3.71 -12.65 14.05
CA GLY B 382 -4.17 -12.46 12.68
C GLY B 382 -3.04 -12.65 11.69
N GLU B 383 -3.33 -12.52 10.41
CA GLU B 383 -2.29 -12.69 9.38
C GLU B 383 -1.29 -11.55 9.46
N GLU B 384 -0.01 -11.90 9.34
CA GLU B 384 1.06 -10.92 9.41
C GLU B 384 1.08 -9.87 8.30
N CYS B 385 1.47 -8.67 8.69
CA CYS B 385 1.63 -7.57 7.78
C CYS B 385 3.15 -7.54 7.48
N SER B 386 3.57 -6.83 6.45
CA SER B 386 4.99 -6.81 6.07
C SER B 386 5.97 -6.49 7.20
N SER B 387 5.48 -5.82 8.24
CA SER B 387 6.32 -5.49 9.39
C SER B 387 6.60 -6.76 10.17
N GLY B 388 5.78 -7.77 9.94
CA GLY B 388 5.92 -9.03 10.66
C GLY B 388 4.83 -9.10 11.73
N PHE B 389 4.13 -7.98 11.93
CA PHE B 389 3.06 -7.86 12.93
C PHE B 389 1.75 -8.56 12.60
N GLN B 390 1.39 -9.56 13.40
CA GLN B 390 0.14 -10.28 13.23
C GLN B 390 -0.97 -9.26 13.42
N ARG B 391 -1.86 -9.14 12.44
CA ARG B 391 -2.95 -8.18 12.55
C ARG B 391 -3.73 -8.53 13.81
N MET B 392 -4.20 -7.50 14.50
CA MET B 392 -4.99 -7.73 15.69
C MET B 392 -6.10 -6.70 15.75
N SER B 393 -7.16 -7.02 16.49
CA SER B 393 -8.30 -6.13 16.60
C SER B 393 -8.60 -5.88 18.08
N VAL B 394 -8.90 -4.63 18.43
CA VAL B 394 -9.25 -4.34 19.80
C VAL B 394 -10.57 -3.58 19.70
N ILE B 395 -11.51 -4.02 20.54
CA ILE B 395 -12.85 -3.45 20.57
C ILE B 395 -13.02 -2.70 21.89
N ASN B 396 -13.29 -1.40 21.79
CA ASN B 396 -13.49 -0.62 23.00
C ASN B 396 -14.99 -0.59 23.31
N PHE B 397 -15.44 -1.55 24.13
CA PHE B 397 -16.85 -1.61 24.50
C PHE B 397 -17.24 -0.46 25.40
N GLU B 398 -18.48 0.01 25.21
CA GLU B 398 -19.00 1.11 25.99
C GLU B 398 -20.39 0.73 26.50
N CYS B 399 -20.69 1.12 27.74
CA CYS B 399 -21.99 0.82 28.32
C CYS B 399 -23.07 1.71 27.71
N ASN B 400 -24.19 1.10 27.37
CA ASN B 400 -25.34 1.80 26.80
C ASN B 400 -26.58 0.96 27.07
N GLN B 401 -27.36 1.36 28.07
CA GLN B 401 -28.55 0.61 28.41
C GLN B 401 -29.56 0.50 27.27
N THR B 402 -29.71 1.57 26.50
CA THR B 402 -30.67 1.60 25.40
C THR B 402 -30.13 1.29 24.00
N ALA B 403 -28.98 0.62 23.91
CA ALA B 403 -28.39 0.29 22.62
C ALA B 403 -29.36 -0.50 21.74
N GLY B 404 -29.33 -0.21 20.44
CA GLY B 404 -30.20 -0.87 19.49
C GLY B 404 -30.08 -2.38 19.53
N ASN B 405 -30.92 -3.05 18.75
CA ASN B 405 -30.90 -4.50 18.71
C ASN B 405 -31.06 -5.08 20.10
N ASN B 406 -31.99 -4.53 20.87
CA ASN B 406 -32.24 -4.99 22.22
C ASN B 406 -31.00 -4.94 23.12
N GLY B 407 -30.26 -3.84 23.02
CA GLY B 407 -29.07 -3.67 23.84
C GLY B 407 -27.78 -4.28 23.29
N ARG B 408 -27.90 -5.17 22.31
CA ARG B 408 -26.72 -5.79 21.72
C ARG B 408 -25.87 -4.79 20.95
N GLY B 409 -26.51 -3.79 20.37
CA GLY B 409 -25.79 -2.79 19.62
C GLY B 409 -25.09 -3.33 18.38
N ALA B 410 -24.06 -2.63 17.94
CA ALA B 410 -23.31 -3.04 16.75
C ALA B 410 -21.97 -2.31 16.70
N PRO B 411 -20.88 -3.05 16.42
CA PRO B 411 -19.53 -2.48 16.33
C PRO B 411 -19.33 -1.50 15.18
N VAL B 412 -18.61 -0.43 15.48
CA VAL B 412 -18.29 0.61 14.52
C VAL B 412 -16.78 0.63 14.37
N PHE B 413 -16.29 0.53 13.13
CA PHE B 413 -14.85 0.57 12.90
C PHE B 413 -14.43 2.01 13.14
N THR B 414 -13.44 2.23 13.97
CA THR B 414 -13.02 3.62 14.19
C THR B 414 -11.66 3.91 13.57
N GLY B 415 -10.97 2.89 13.08
CA GLY B 415 -9.68 3.13 12.45
C GLY B 415 -8.57 2.12 12.65
N GLU B 416 -7.52 2.26 11.85
CA GLU B 416 -6.36 1.40 11.89
C GLU B 416 -5.05 2.12 12.11
N VAL B 417 -4.19 1.49 12.91
CA VAL B 417 -2.85 1.99 13.13
C VAL B 417 -1.92 0.80 12.93
N ASP B 418 -1.20 0.80 11.82
CA ASP B 418 -0.25 -0.26 11.50
C ASP B 418 -0.75 -1.68 11.77
N CYS B 419 -1.87 -2.07 11.18
CA CYS B 419 -2.36 -3.43 11.38
C CYS B 419 -3.02 -3.81 12.71
N THR B 420 -3.44 -2.80 13.44
CA THR B 420 -4.20 -3.04 14.65
C THR B 420 -5.47 -2.32 14.26
N TYR B 421 -6.58 -3.04 14.28
CA TYR B 421 -7.88 -2.49 13.88
C TYR B 421 -8.72 -2.14 15.11
N PHE B 422 -9.20 -0.90 15.16
CA PHE B 422 -9.97 -0.40 16.28
C PHE B 422 -11.46 -0.26 16.02
N PHE B 423 -12.26 -0.74 16.96
CA PHE B 423 -13.71 -0.66 16.86
C PHE B 423 -14.26 -0.14 18.19
N THR B 424 -15.43 0.48 18.11
CA THR B 424 -16.15 0.99 19.27
C THR B 424 -17.45 0.19 19.23
N TRP B 425 -17.96 -0.23 20.38
CA TRP B 425 -19.18 -1.01 20.42
C TRP B 425 -20.03 -0.64 21.65
N ASP B 426 -21.13 0.05 21.42
CA ASP B 426 -22.03 0.44 22.49
C ASP B 426 -22.98 -0.70 22.75
N THR B 427 -23.05 -1.15 24.00
CA THR B 427 -23.90 -2.26 24.35
C THR B 427 -24.21 -2.30 25.83
N LYS B 428 -25.38 -2.83 26.17
CA LYS B 428 -25.80 -2.93 27.56
C LYS B 428 -24.98 -4.01 28.28
N TYR B 429 -24.47 -4.99 27.51
CA TYR B 429 -23.67 -6.07 28.09
C TYR B 429 -22.28 -5.62 28.52
N ALA B 430 -21.99 -4.34 28.38
CA ALA B 430 -20.69 -3.80 28.77
C ALA B 430 -20.90 -2.82 29.92
N CYS B 431 -22.07 -2.93 30.58
CA CYS B 431 -22.40 -2.09 31.72
C CYS B 431 -22.10 -2.85 33.01
N VAL B 432 -21.10 -2.40 33.74
CA VAL B 432 -20.69 -3.04 35.00
C VAL B 432 -21.78 -3.00 36.07
#